data_4J5L
#
_entry.id   4J5L
#
_cell.length_a   57.799
_cell.length_b   79.494
_cell.length_c   94.139
_cell.angle_alpha   90.00
_cell.angle_beta   105.77
_cell.angle_gamma   90.00
#
_symmetry.space_group_name_H-M   'P 1 21 1'
#
loop_
_entity.id
_entity.type
_entity.pdbx_description
1 polymer 'Unconventional myosin-Va'
2 non-polymer 'SULFATE ION'
3 water water
#
_entity_poly.entity_id   1
_entity_poly.type   'polypeptide(L)'
_entity_poly.pdbx_seq_one_letter_code
;MENISPGQIIDEPIRPVNIPRKEKDFQGMLEYKKEDEQKLVKNLILELKPRGVAVNLIPGLPAYILFMCVRHADYLNDDQ
KVRSLLTSTINSIKKVLKKRGDDFETVSFWLSNTCRFLHCLKQYSGEEGFMKHNTSRQNEHCLTNFDLAEYRQVLSDLAI
QIYQQLVRVLENILQPMIVSGMLEHETIQGVSGVKPTGLRKRTSSIADEGTYTLDSILRQLNSFHSVMCQHGMDPELIKQ
VVKQMFYIIGAITLNNLLLRKDMCSWSKGMQIRYNVSQLEEWLRDKNLMNSGAKETLEPLIQAAQLLQVKKKTDDDAEAI
CSMCNALTTAQIVKVLNLYTPVNEFEERVSVSFIRTIQMRLRDRKDSPQLLMDAKHIFPVTFPFNPSSLALETIQIPASL
GLGFISRV
;
_entity_poly.pdbx_strand_id   A,B
#
loop_
_chem_comp.id
_chem_comp.type
_chem_comp.name
_chem_comp.formula
SO4 non-polymer 'SULFATE ION' 'O4 S -2'
#
# COMPACT_ATOMS: atom_id res chain seq x y z
N PHE A 26 -28.90 -31.71 0.03
CA PHE A 26 -28.22 -30.42 -0.16
C PHE A 26 -26.78 -30.46 0.35
N GLN A 27 -25.84 -30.19 -0.57
CA GLN A 27 -24.42 -30.18 -0.22
C GLN A 27 -23.91 -28.76 -0.04
N GLY A 28 -24.73 -27.78 -0.40
CA GLY A 28 -24.38 -26.39 -0.27
C GLY A 28 -23.64 -25.84 -1.48
N MET A 29 -24.10 -26.22 -2.66
CA MET A 29 -23.51 -25.76 -3.91
C MET A 29 -24.56 -25.12 -4.80
N LEU A 30 -24.12 -24.20 -5.66
CA LEU A 30 -25.02 -23.53 -6.59
C LEU A 30 -24.55 -23.74 -8.03
N GLU A 31 -25.42 -24.30 -8.85
CA GLU A 31 -25.10 -24.59 -10.24
C GLU A 31 -25.62 -23.50 -11.16
N TYR A 32 -24.80 -23.11 -12.13
CA TYR A 32 -25.20 -22.15 -13.13
C TYR A 32 -24.54 -22.49 -14.47
N LYS A 33 -25.11 -21.97 -15.56
CA LYS A 33 -24.58 -22.22 -16.88
C LYS A 33 -23.63 -21.09 -17.30
N LYS A 34 -22.57 -21.45 -18.00
CA LYS A 34 -21.49 -20.54 -18.35
C LYS A 34 -21.94 -19.27 -19.06
N GLU A 35 -23.12 -19.32 -19.68
CA GLU A 35 -23.66 -18.18 -20.41
C GLU A 35 -24.37 -17.21 -19.47
N ASP A 36 -24.82 -17.72 -18.32
CA ASP A 36 -25.54 -16.89 -17.35
C ASP A 36 -24.60 -16.25 -16.34
N GLU A 37 -23.30 -16.34 -16.59
CA GLU A 37 -22.30 -15.87 -15.64
C GLU A 37 -22.34 -14.35 -15.46
N GLN A 38 -22.47 -13.63 -16.56
CA GLN A 38 -22.58 -12.17 -16.48
C GLN A 38 -23.89 -11.75 -15.83
N LYS A 39 -24.89 -12.62 -15.91
CA LYS A 39 -26.17 -12.37 -15.26
C LYS A 39 -26.06 -12.67 -13.76
N LEU A 40 -25.29 -13.71 -13.45
CA LEU A 40 -25.01 -14.08 -12.07
C LEU A 40 -24.28 -12.95 -11.37
N VAL A 41 -23.41 -12.28 -12.12
CA VAL A 41 -22.56 -11.24 -11.58
C VAL A 41 -23.27 -9.89 -11.55
N LYS A 42 -24.19 -9.68 -12.50
CA LYS A 42 -24.91 -8.42 -12.57
C LYS A 42 -25.93 -8.26 -11.45
N ASN A 43 -26.58 -9.37 -11.11
CA ASN A 43 -27.62 -9.33 -10.08
C ASN A 43 -27.06 -9.40 -8.65
N LEU A 44 -25.94 -10.11 -8.49
CA LEU A 44 -25.34 -10.30 -7.18
C LEU A 44 -24.41 -9.17 -6.77
N ILE A 45 -23.90 -8.43 -7.75
CA ILE A 45 -22.88 -7.43 -7.47
C ILE A 45 -23.19 -6.06 -8.06
N LEU A 46 -23.26 -6.01 -9.38
CA LEU A 46 -23.38 -4.74 -10.12
C LEU A 46 -24.52 -3.84 -9.67
N GLU A 47 -25.71 -4.43 -9.46
CA GLU A 47 -26.88 -3.63 -9.13
C GLU A 47 -27.65 -4.15 -7.93
N LEU A 48 -26.97 -4.94 -7.09
CA LEU A 48 -27.57 -5.41 -5.85
C LEU A 48 -27.56 -4.29 -4.80
N LYS A 49 -28.74 -3.78 -4.48
CA LYS A 49 -28.87 -2.72 -3.48
C LYS A 49 -28.54 -3.23 -2.08
N PRO A 50 -27.59 -2.57 -1.41
CA PRO A 50 -27.13 -2.97 -0.08
C PRO A 50 -28.20 -2.77 0.99
N ARG A 51 -29.21 -1.95 0.69
CA ARG A 51 -30.29 -1.70 1.62
C ARG A 51 -31.42 -2.71 1.44
N GLY A 52 -31.16 -3.75 0.63
CA GLY A 52 -32.13 -4.78 0.36
C GLY A 52 -32.49 -5.59 1.59
N VAL A 53 -33.72 -6.09 1.65
CA VAL A 53 -34.22 -6.77 2.83
C VAL A 53 -33.50 -8.09 3.13
N ALA A 54 -33.40 -8.96 2.12
CA ALA A 54 -32.77 -10.26 2.29
C ALA A 54 -31.29 -10.11 2.63
N VAL A 55 -30.67 -9.09 2.04
CA VAL A 55 -29.25 -8.84 2.26
C VAL A 55 -28.99 -8.29 3.65
N ASN A 56 -29.94 -7.52 4.18
CA ASN A 56 -29.82 -6.97 5.52
C ASN A 56 -30.23 -7.96 6.60
N LEU A 57 -30.96 -9.00 6.19
CA LEU A 57 -31.36 -10.05 7.11
C LEU A 57 -30.22 -11.05 7.25
N ILE A 58 -29.53 -11.32 6.15
CA ILE A 58 -28.41 -12.24 6.13
C ILE A 58 -27.15 -11.61 5.52
N PRO A 59 -26.35 -10.92 6.34
CA PRO A 59 -25.08 -10.40 5.83
C PRO A 59 -23.93 -11.36 6.11
N GLY A 60 -23.05 -11.56 5.12
CA GLY A 60 -23.18 -10.96 3.81
C GLY A 60 -23.52 -12.03 2.79
N LEU A 61 -24.80 -12.11 2.45
CA LEU A 61 -25.33 -13.13 1.55
C LEU A 61 -24.66 -13.28 0.18
N PRO A 62 -24.37 -12.17 -0.53
CA PRO A 62 -23.77 -12.31 -1.86
C PRO A 62 -22.45 -13.08 -1.84
N ALA A 63 -21.63 -12.86 -0.82
CA ALA A 63 -20.34 -13.55 -0.71
C ALA A 63 -20.55 -15.05 -0.54
N TYR A 64 -21.52 -15.43 0.28
CA TYR A 64 -21.84 -16.83 0.51
C TYR A 64 -22.37 -17.48 -0.77
N ILE A 65 -23.22 -16.75 -1.48
CA ILE A 65 -23.79 -17.23 -2.73
C ILE A 65 -22.71 -17.37 -3.80
N LEU A 66 -21.82 -16.39 -3.87
CA LEU A 66 -20.70 -16.42 -4.81
C LEU A 66 -19.78 -17.61 -4.56
N PHE A 67 -19.48 -17.88 -3.29
CA PHE A 67 -18.61 -18.99 -2.96
C PHE A 67 -19.22 -20.36 -3.24
N MET A 68 -20.52 -20.49 -3.02
CA MET A 68 -21.21 -21.75 -3.29
C MET A 68 -21.20 -22.06 -4.78
N CYS A 69 -21.14 -21.02 -5.59
CA CYS A 69 -20.96 -21.19 -7.04
C CYS A 69 -19.55 -21.67 -7.34
N VAL A 70 -18.58 -21.13 -6.62
CA VAL A 70 -17.18 -21.53 -6.76
C VAL A 70 -17.00 -23.00 -6.40
N ARG A 71 -17.67 -23.42 -5.33
CA ARG A 71 -17.66 -24.81 -4.88
C ARG A 71 -18.09 -25.78 -5.98
N HIS A 72 -19.11 -25.40 -6.73
CA HIS A 72 -19.64 -26.27 -7.79
C HIS A 72 -18.66 -26.39 -8.94
N ALA A 73 -18.08 -25.26 -9.35
CA ALA A 73 -17.07 -25.27 -10.40
C ALA A 73 -15.87 -26.09 -9.99
N ASP A 74 -15.51 -25.99 -8.71
CA ASP A 74 -14.43 -26.80 -8.15
C ASP A 74 -14.81 -28.27 -8.14
N TYR A 75 -16.08 -28.54 -7.84
CA TYR A 75 -16.58 -29.91 -7.84
C TYR A 75 -16.66 -30.45 -9.26
N LEU A 76 -16.95 -29.56 -10.21
CA LEU A 76 -17.01 -29.92 -11.63
C LEU A 76 -15.63 -30.05 -12.24
N ASN A 77 -14.62 -29.60 -11.48
CA ASN A 77 -13.24 -29.56 -11.96
C ASN A 77 -13.09 -28.71 -13.21
N ASP A 78 -13.94 -27.70 -13.34
CA ASP A 78 -13.91 -26.81 -14.48
C ASP A 78 -13.00 -25.62 -14.18
N ASP A 79 -11.72 -25.74 -14.55
CA ASP A 79 -10.74 -24.70 -14.29
C ASP A 79 -11.10 -23.40 -14.99
N GLN A 80 -11.71 -23.51 -16.18
CA GLN A 80 -12.11 -22.33 -16.93
C GLN A 80 -13.24 -21.58 -16.24
N LYS A 81 -14.15 -22.33 -15.63
CA LYS A 81 -15.29 -21.74 -14.94
C LYS A 81 -14.83 -21.01 -13.67
N VAL A 82 -13.92 -21.64 -12.95
CA VAL A 82 -13.37 -21.05 -11.73
C VAL A 82 -12.67 -19.72 -12.04
N ARG A 83 -11.82 -19.72 -13.07
CA ARG A 83 -11.13 -18.51 -13.50
C ARG A 83 -12.11 -17.40 -13.86
N SER A 84 -13.09 -17.74 -14.69
CA SER A 84 -14.04 -16.75 -15.20
C SER A 84 -14.91 -16.17 -14.10
N LEU A 85 -15.30 -17.01 -13.15
CA LEU A 85 -16.12 -16.56 -12.03
C LEU A 85 -15.33 -15.58 -11.16
N LEU A 86 -14.16 -16.01 -10.70
CA LEU A 86 -13.33 -15.21 -9.82
C LEU A 86 -12.89 -13.90 -10.48
N THR A 87 -12.67 -13.93 -11.79
CA THR A 87 -12.28 -12.72 -12.51
C THR A 87 -13.45 -11.75 -12.61
N SER A 88 -14.60 -12.27 -13.02
CA SER A 88 -15.81 -11.45 -13.16
C SER A 88 -16.20 -10.86 -11.81
N THR A 89 -16.06 -11.65 -10.76
CA THR A 89 -16.38 -11.20 -9.41
C THR A 89 -15.53 -10.00 -9.01
N ILE A 90 -14.22 -10.14 -9.14
CA ILE A 90 -13.29 -9.07 -8.78
C ILE A 90 -13.50 -7.82 -9.63
N ASN A 91 -13.66 -8.00 -10.95
CA ASN A 91 -13.85 -6.87 -11.84
C ASN A 91 -15.20 -6.17 -11.63
N SER A 92 -16.19 -6.91 -11.15
CA SER A 92 -17.50 -6.36 -10.88
C SER A 92 -17.47 -5.48 -9.64
N ILE A 93 -16.84 -5.99 -8.58
CA ILE A 93 -16.69 -5.25 -7.34
C ILE A 93 -15.97 -3.93 -7.59
N LYS A 94 -14.92 -3.99 -8.40
CA LYS A 94 -14.14 -2.80 -8.75
C LYS A 94 -14.99 -1.79 -9.50
N LYS A 95 -15.85 -2.28 -10.40
CA LYS A 95 -16.68 -1.40 -11.20
C LYS A 95 -17.75 -0.70 -10.36
N VAL A 96 -18.29 -1.41 -9.38
CA VAL A 96 -19.24 -0.83 -8.43
C VAL A 96 -18.60 0.33 -7.68
N LEU A 97 -17.33 0.17 -7.32
CA LEU A 97 -16.61 1.19 -6.56
C LEU A 97 -16.22 2.41 -7.39
N LYS A 98 -16.39 2.32 -8.70
CA LYS A 98 -16.11 3.45 -9.57
C LYS A 98 -17.37 4.25 -9.86
N LYS A 99 -18.52 3.58 -9.77
CA LYS A 99 -19.80 4.25 -10.04
C LYS A 99 -20.41 4.81 -8.76
N ARG A 100 -20.35 4.05 -7.68
CA ARG A 100 -20.89 4.48 -6.39
C ARG A 100 -19.80 4.48 -5.34
N GLY A 101 -18.67 5.12 -5.65
CA GLY A 101 -17.51 5.11 -4.78
C GLY A 101 -17.53 6.19 -3.70
N ASP A 102 -18.40 7.18 -3.87
CA ASP A 102 -18.51 8.26 -2.90
C ASP A 102 -19.70 8.04 -1.97
N ASP A 103 -20.33 6.87 -2.09
CA ASP A 103 -21.44 6.52 -1.21
C ASP A 103 -20.97 5.56 -0.12
N PHE A 104 -21.06 6.01 1.13
CA PHE A 104 -20.56 5.24 2.26
C PHE A 104 -21.16 3.85 2.39
N GLU A 105 -22.47 3.74 2.16
CA GLU A 105 -23.17 2.46 2.34
C GLU A 105 -22.72 1.41 1.33
N THR A 106 -22.56 1.83 0.07
CA THR A 106 -22.08 0.93 -0.98
C THR A 106 -20.67 0.43 -0.69
N VAL A 107 -19.78 1.35 -0.31
CA VAL A 107 -18.39 0.98 -0.02
C VAL A 107 -18.28 0.08 1.22
N SER A 108 -19.04 0.40 2.26
CA SER A 108 -19.05 -0.41 3.47
C SER A 108 -19.55 -1.81 3.19
N PHE A 109 -20.57 -1.90 2.35
CA PHE A 109 -21.18 -3.18 2.03
C PHE A 109 -20.19 -4.08 1.27
N TRP A 110 -19.50 -3.50 0.30
CA TRP A 110 -18.57 -4.29 -0.49
C TRP A 110 -17.21 -4.51 0.16
N LEU A 111 -16.89 -3.74 1.17
CA LEU A 111 -15.74 -4.05 2.01
C LEU A 111 -16.08 -5.30 2.83
N SER A 112 -17.27 -5.29 3.42
CA SER A 112 -17.74 -6.38 4.27
C SER A 112 -17.85 -7.69 3.49
N ASN A 113 -18.43 -7.61 2.30
CA ASN A 113 -18.63 -8.81 1.48
C ASN A 113 -17.36 -9.35 0.84
N THR A 114 -16.47 -8.46 0.42
CA THR A 114 -15.18 -8.88 -0.13
C THR A 114 -14.38 -9.63 0.93
N CYS A 115 -14.39 -9.14 2.16
CA CYS A 115 -13.74 -9.82 3.27
C CYS A 115 -14.37 -11.19 3.53
N ARG A 116 -15.70 -11.22 3.57
CA ARG A 116 -16.42 -12.47 3.80
C ARG A 116 -16.10 -13.49 2.70
N PHE A 117 -16.03 -13.00 1.46
CA PHE A 117 -15.64 -13.85 0.34
C PHE A 117 -14.23 -14.39 0.56
N LEU A 118 -13.32 -13.49 0.95
CA LEU A 118 -11.95 -13.87 1.27
C LEU A 118 -11.90 -14.87 2.43
N HIS A 119 -12.70 -14.61 3.46
CA HIS A 119 -12.80 -15.51 4.60
C HIS A 119 -13.33 -16.89 4.20
N CYS A 120 -14.32 -16.91 3.32
CA CYS A 120 -14.87 -18.16 2.80
C CYS A 120 -13.80 -18.94 2.02
N LEU A 121 -13.03 -18.22 1.22
CA LEU A 121 -11.97 -18.83 0.42
C LEU A 121 -10.89 -19.44 1.29
N LYS A 122 -10.72 -18.91 2.50
CA LYS A 122 -9.77 -19.48 3.45
C LYS A 122 -10.42 -20.60 4.27
N GLN A 123 -11.59 -20.30 4.83
CA GLN A 123 -12.30 -21.22 5.72
C GLN A 123 -12.56 -22.58 5.07
N TYR A 124 -12.94 -22.56 3.79
CA TYR A 124 -13.22 -23.80 3.07
C TYR A 124 -12.18 -24.04 1.98
N SER A 125 -10.91 -23.89 2.32
CA SER A 125 -9.84 -24.05 1.34
C SER A 125 -9.24 -25.45 1.38
N GLY A 126 -9.51 -26.17 2.45
CA GLY A 126 -8.94 -27.49 2.65
C GLY A 126 -7.73 -27.43 3.55
N GLU A 127 -7.07 -26.28 3.59
CA GLU A 127 -5.96 -26.07 4.50
C GLU A 127 -6.46 -26.04 5.93
N GLU A 128 -6.08 -27.05 6.70
CA GLU A 128 -6.61 -27.28 8.05
C GLU A 128 -6.47 -26.09 9.00
N GLY A 129 -5.55 -25.18 8.70
CA GLY A 129 -5.29 -24.04 9.55
C GLY A 129 -6.43 -23.04 9.60
N PHE A 130 -7.40 -23.18 8.71
CA PHE A 130 -8.52 -22.23 8.65
C PHE A 130 -9.84 -22.84 9.09
N MET A 131 -9.87 -24.16 9.23
CA MET A 131 -11.10 -24.84 9.63
C MET A 131 -11.06 -25.32 11.07
N LYS A 132 -10.53 -24.48 11.95
CA LYS A 132 -10.42 -24.83 13.36
C LYS A 132 -11.69 -24.44 14.13
N HIS A 133 -12.60 -23.76 13.45
CA HIS A 133 -13.87 -23.37 14.06
C HIS A 133 -15.05 -23.77 13.18
N ASN A 134 -14.83 -24.78 12.35
CA ASN A 134 -15.87 -25.28 11.46
C ASN A 134 -16.58 -26.49 12.05
N THR A 135 -17.90 -26.54 11.84
CA THR A 135 -18.65 -27.74 12.16
C THR A 135 -18.23 -28.84 11.20
N SER A 136 -18.52 -30.08 11.55
CA SER A 136 -18.17 -31.22 10.70
C SER A 136 -18.83 -31.10 9.33
N ARG A 137 -20.03 -30.55 9.31
CA ARG A 137 -20.78 -30.34 8.07
C ARG A 137 -20.06 -29.32 7.18
N GLN A 138 -19.53 -28.27 7.79
CA GLN A 138 -18.82 -27.23 7.06
C GLN A 138 -17.51 -27.74 6.46
N ASN A 139 -16.92 -28.75 7.08
CA ASN A 139 -15.69 -29.34 6.59
C ASN A 139 -15.91 -30.16 5.32
N GLU A 140 -17.16 -30.53 5.07
CA GLU A 140 -17.52 -31.25 3.85
C GLU A 140 -17.64 -30.27 2.69
N HIS A 141 -17.57 -28.98 3.01
CA HIS A 141 -17.77 -27.93 2.02
C HIS A 141 -16.47 -27.42 1.44
N CYS A 142 -15.36 -28.05 1.83
CA CYS A 142 -14.04 -27.61 1.39
C CYS A 142 -13.77 -27.92 -0.08
N LEU A 143 -12.89 -27.13 -0.68
CA LEU A 143 -12.49 -27.34 -2.08
C LEU A 143 -11.55 -28.53 -2.17
N THR A 144 -11.58 -29.22 -3.30
CA THR A 144 -10.79 -30.43 -3.47
C THR A 144 -9.87 -30.38 -4.69
N ASN A 145 -10.25 -29.58 -5.68
CA ASN A 145 -9.51 -29.55 -6.95
C ASN A 145 -8.55 -28.38 -7.10
N PHE A 146 -8.95 -27.22 -6.61
CA PHE A 146 -8.19 -26.00 -6.90
C PHE A 146 -7.61 -25.30 -5.67
N ASP A 147 -6.36 -24.87 -5.80
CA ASP A 147 -5.72 -24.04 -4.79
C ASP A 147 -5.84 -22.60 -5.23
N LEU A 148 -6.63 -21.82 -4.50
CA LEU A 148 -6.94 -20.46 -4.90
C LEU A 148 -6.14 -19.42 -4.12
N ALA A 149 -4.93 -19.79 -3.69
CA ALA A 149 -4.07 -18.90 -2.92
C ALA A 149 -3.70 -17.63 -3.68
N GLU A 150 -3.56 -17.77 -5.00
CA GLU A 150 -3.25 -16.62 -5.85
C GLU A 150 -4.37 -15.59 -5.79
N TYR A 151 -5.61 -16.06 -5.97
CA TYR A 151 -6.77 -15.19 -5.96
C TYR A 151 -7.02 -14.57 -4.58
N ARG A 152 -6.64 -15.30 -3.54
CA ARG A 152 -6.81 -14.81 -2.18
C ARG A 152 -5.99 -13.55 -1.90
N GLN A 153 -4.79 -13.50 -2.48
CA GLN A 153 -3.93 -12.32 -2.32
C GLN A 153 -4.47 -11.13 -3.11
N VAL A 154 -5.07 -11.41 -4.27
CA VAL A 154 -5.69 -10.38 -5.08
C VAL A 154 -6.89 -9.77 -4.36
N LEU A 155 -7.71 -10.61 -3.76
CA LEU A 155 -8.86 -10.15 -2.98
C LEU A 155 -8.42 -9.38 -1.74
N SER A 156 -7.32 -9.83 -1.14
CA SER A 156 -6.77 -9.18 0.05
C SER A 156 -6.27 -7.79 -0.30
N ASP A 157 -5.62 -7.66 -1.46
CA ASP A 157 -5.15 -6.37 -1.95
C ASP A 157 -6.34 -5.48 -2.28
N LEU A 158 -7.41 -6.10 -2.77
CA LEU A 158 -8.61 -5.36 -3.13
C LEU A 158 -9.29 -4.80 -1.89
N ALA A 159 -9.38 -5.62 -0.84
CA ALA A 159 -9.99 -5.20 0.41
C ALA A 159 -9.27 -3.97 0.99
N ILE A 160 -7.96 -3.94 0.85
CA ILE A 160 -7.16 -2.80 1.30
C ILE A 160 -7.56 -1.53 0.57
N GLN A 161 -7.69 -1.64 -0.75
CA GLN A 161 -8.11 -0.50 -1.57
C GLN A 161 -9.51 0.00 -1.17
N ILE A 162 -10.42 -0.93 -0.89
CA ILE A 162 -11.78 -0.57 -0.49
C ILE A 162 -11.77 0.13 0.87
N TYR A 163 -10.97 -0.39 1.79
CA TYR A 163 -10.82 0.22 3.11
C TYR A 163 -10.36 1.67 3.00
N GLN A 164 -9.33 1.91 2.21
CA GLN A 164 -8.80 3.24 2.02
C GLN A 164 -9.84 4.17 1.42
N GLN A 165 -10.63 3.65 0.50
CA GLN A 165 -11.71 4.42 -0.10
C GLN A 165 -12.79 4.72 0.93
N LEU A 166 -13.07 3.74 1.78
CA LEU A 166 -14.05 3.90 2.85
C LEU A 166 -13.63 5.02 3.80
N VAL A 167 -12.38 4.94 4.25
CA VAL A 167 -11.80 5.97 5.13
C VAL A 167 -11.87 7.34 4.47
N ARG A 168 -11.54 7.39 3.19
CA ARG A 168 -11.55 8.64 2.44
C ARG A 168 -12.96 9.24 2.42
N VAL A 169 -13.95 8.40 2.18
CA VAL A 169 -15.34 8.84 2.18
C VAL A 169 -15.78 9.34 3.56
N LEU A 170 -15.37 8.61 4.60
CA LEU A 170 -15.66 9.00 5.97
C LEU A 170 -15.06 10.36 6.31
N GLU A 171 -13.77 10.53 6.00
CA GLU A 171 -13.08 11.78 6.25
C GLU A 171 -13.79 12.94 5.57
N ASN A 172 -14.24 12.71 4.33
CA ASN A 172 -14.92 13.75 3.56
C ASN A 172 -16.27 14.14 4.15
N ILE A 173 -16.92 13.21 4.82
CA ILE A 173 -18.21 13.48 5.44
C ILE A 173 -18.04 14.19 6.79
N LEU A 174 -17.09 13.71 7.58
CA LEU A 174 -16.86 14.25 8.93
C LEU A 174 -16.20 15.62 8.95
N GLN A 175 -15.30 15.86 8.00
CA GLN A 175 -14.47 17.06 7.99
C GLN A 175 -15.19 18.41 8.18
N PRO A 176 -16.32 18.63 7.48
CA PRO A 176 -16.99 19.93 7.67
C PRO A 176 -17.70 20.05 9.01
N MET A 177 -17.87 18.94 9.71
CA MET A 177 -18.61 18.94 10.97
C MET A 177 -17.70 19.23 12.16
N ILE A 178 -16.42 18.89 12.01
CA ILE A 178 -15.51 18.83 13.15
C ILE A 178 -15.24 20.19 13.82
N VAL A 179 -14.75 21.15 13.04
CA VAL A 179 -14.46 22.48 13.58
C VAL A 179 -15.71 23.14 14.17
N SER A 180 -16.81 23.06 13.43
CA SER A 180 -18.07 23.67 13.87
C SER A 180 -18.58 23.04 15.15
N GLY A 181 -18.55 21.72 15.23
CA GLY A 181 -19.08 21.00 16.37
C GLY A 181 -18.18 20.98 17.59
N MET A 182 -16.88 20.97 17.37
CA MET A 182 -15.92 20.87 18.47
C MET A 182 -15.47 22.23 19.01
N LEU A 183 -15.33 23.21 18.13
CA LEU A 183 -14.72 24.49 18.49
C LEU A 183 -15.65 25.70 18.40
N GLU A 184 -16.26 25.89 17.23
CA GLU A 184 -16.99 27.11 16.93
C GLU A 184 -18.34 27.20 17.63
N HIS A 185 -18.91 26.06 17.96
CA HIS A 185 -20.17 26.05 18.71
C HIS A 185 -19.92 25.87 20.20
N GLU A 186 -20.41 26.83 20.98
CA GLU A 186 -20.21 26.84 22.42
C GLU A 186 -21.14 25.83 23.09
N THR A 187 -20.57 24.69 23.48
CA THR A 187 -21.31 23.67 24.21
C THR A 187 -21.58 24.14 25.64
N ILE A 188 -21.00 23.44 26.61
CA ILE A 188 -21.20 23.77 28.03
C ILE A 188 -20.73 25.20 28.35
N GLN A 189 -21.43 25.86 29.28
CA GLN A 189 -21.15 27.25 29.62
C GLN A 189 -21.41 27.58 31.08
N GLY A 190 -20.50 28.33 31.69
CA GLY A 190 -20.66 28.77 33.07
C GLY A 190 -20.00 27.86 34.08
N VAL A 191 -19.08 27.03 33.61
CA VAL A 191 -18.38 26.07 34.46
C VAL A 191 -17.17 26.71 35.14
N SER A 192 -16.76 27.88 34.65
CA SER A 192 -15.55 28.57 35.12
C SER A 192 -15.52 28.73 36.64
N ASP A 208 -24.30 22.80 1.41
CA ASP A 208 -23.19 23.50 2.04
C ASP A 208 -23.66 24.49 3.10
N GLU A 209 -23.66 24.05 4.36
CA GLU A 209 -24.08 24.89 5.48
C GLU A 209 -23.38 24.50 6.78
N GLY A 210 -22.44 25.32 7.22
CA GLY A 210 -21.70 25.06 8.45
C GLY A 210 -22.48 25.40 9.69
N THR A 211 -23.33 24.47 10.13
CA THR A 211 -24.22 24.71 11.27
C THR A 211 -24.13 23.57 12.27
N TYR A 212 -23.11 22.73 12.13
CA TYR A 212 -23.01 21.49 12.90
C TYR A 212 -22.64 21.71 14.37
N THR A 213 -23.11 20.80 15.22
CA THR A 213 -22.79 20.84 16.64
C THR A 213 -22.14 19.51 17.03
N LEU A 214 -21.84 19.36 18.32
CA LEU A 214 -21.31 18.10 18.84
C LEU A 214 -22.28 16.97 18.57
N ASP A 215 -23.57 17.25 18.74
CA ASP A 215 -24.60 16.24 18.51
C ASP A 215 -24.64 15.80 17.06
N SER A 216 -24.36 16.73 16.15
CA SER A 216 -24.28 16.44 14.73
C SER A 216 -23.20 15.39 14.46
N ILE A 217 -22.07 15.53 15.15
CA ILE A 217 -20.96 14.60 15.00
C ILE A 217 -21.32 13.22 15.57
N LEU A 218 -21.93 13.23 16.74
CA LEU A 218 -22.32 11.99 17.43
C LEU A 218 -23.38 11.21 16.66
N ARG A 219 -24.23 11.93 15.92
CA ARG A 219 -25.23 11.28 15.08
C ARG A 219 -24.58 10.66 13.86
N GLN A 220 -23.60 11.38 13.30
CA GLN A 220 -22.86 10.89 12.14
C GLN A 220 -22.04 9.66 12.49
N LEU A 221 -21.46 9.66 13.68
CA LEU A 221 -20.71 8.49 14.16
C LEU A 221 -21.66 7.32 14.38
N ASN A 222 -22.87 7.63 14.82
CA ASN A 222 -23.91 6.62 15.01
C ASN A 222 -24.34 5.97 13.69
N SER A 223 -24.51 6.79 12.66
CA SER A 223 -24.88 6.29 11.34
C SER A 223 -23.81 5.37 10.79
N PHE A 224 -22.56 5.82 10.86
CA PHE A 224 -21.42 5.03 10.37
C PHE A 224 -21.36 3.66 11.03
N HIS A 225 -21.39 3.67 12.36
CA HIS A 225 -21.26 2.44 13.15
C HIS A 225 -22.38 1.45 12.90
N SER A 226 -23.62 1.95 12.88
CA SER A 226 -24.79 1.07 12.70
C SER A 226 -24.80 0.44 11.31
N VAL A 227 -24.50 1.24 10.29
CA VAL A 227 -24.43 0.74 8.92
C VAL A 227 -23.42 -0.40 8.80
N MET A 228 -22.23 -0.20 9.36
CA MET A 228 -21.19 -1.23 9.33
C MET A 228 -21.66 -2.51 10.03
N CYS A 229 -22.37 -2.35 11.14
CA CYS A 229 -22.93 -3.50 11.86
C CYS A 229 -23.99 -4.22 11.02
N GLN A 230 -24.84 -3.45 10.34
CA GLN A 230 -25.88 -4.00 9.48
C GLN A 230 -25.28 -4.87 8.38
N HIS A 231 -24.10 -4.48 7.92
CA HIS A 231 -23.44 -5.17 6.81
C HIS A 231 -22.59 -6.34 7.28
N GLY A 232 -22.58 -6.58 8.59
CA GLY A 232 -21.83 -7.67 9.15
C GLY A 232 -20.32 -7.53 9.02
N MET A 233 -19.84 -6.29 8.98
CA MET A 233 -18.40 -6.04 8.91
C MET A 233 -17.73 -6.61 10.15
N ASP A 234 -16.53 -7.14 9.97
CA ASP A 234 -15.78 -7.75 11.06
C ASP A 234 -15.55 -6.79 12.21
N PRO A 235 -15.70 -7.28 13.46
CA PRO A 235 -15.50 -6.48 14.67
C PRO A 235 -14.14 -5.80 14.68
N GLU A 236 -13.09 -6.55 14.37
CA GLU A 236 -11.73 -6.02 14.34
C GLU A 236 -11.56 -4.94 13.29
N LEU A 237 -12.34 -5.03 12.22
CA LEU A 237 -12.27 -4.04 11.15
C LEU A 237 -13.02 -2.77 11.54
N ILE A 238 -14.19 -2.94 12.16
CA ILE A 238 -14.98 -1.81 12.65
C ILE A 238 -14.18 -0.99 13.66
N LYS A 239 -13.40 -1.67 14.49
CA LYS A 239 -12.55 -1.02 15.47
C LYS A 239 -11.49 -0.12 14.83
N GLN A 240 -10.86 -0.61 13.77
CA GLN A 240 -9.85 0.17 13.06
C GLN A 240 -10.47 1.39 12.37
N VAL A 241 -11.65 1.20 11.78
CA VAL A 241 -12.41 2.28 11.18
C VAL A 241 -12.74 3.36 12.22
N VAL A 242 -13.13 2.93 13.41
CA VAL A 242 -13.46 3.86 14.49
C VAL A 242 -12.21 4.59 14.98
N LYS A 243 -11.11 3.86 15.12
CA LYS A 243 -9.84 4.46 15.49
C LYS A 243 -9.39 5.51 14.48
N GLN A 244 -9.60 5.22 13.20
CA GLN A 244 -9.28 6.19 12.16
C GLN A 244 -10.14 7.45 12.26
N MET A 245 -11.45 7.26 12.50
CA MET A 245 -12.36 8.39 12.61
C MET A 245 -12.02 9.32 13.77
N PHE A 246 -11.72 8.73 14.92
CA PHE A 246 -11.31 9.50 16.09
C PHE A 246 -10.02 10.28 15.83
N TYR A 247 -9.12 9.70 15.05
CA TYR A 247 -7.89 10.38 14.68
C TYR A 247 -8.19 11.66 13.91
N ILE A 248 -9.15 11.59 12.99
CA ILE A 248 -9.52 12.72 12.15
C ILE A 248 -10.06 13.86 13.01
N ILE A 249 -10.94 13.51 13.94
CA ILE A 249 -11.53 14.47 14.85
C ILE A 249 -10.44 15.14 15.68
N GLY A 250 -9.54 14.33 16.25
CA GLY A 250 -8.47 14.83 17.07
C GLY A 250 -7.52 15.74 16.31
N ALA A 251 -7.11 15.29 15.12
CA ALA A 251 -6.13 16.02 14.33
C ALA A 251 -6.66 17.37 13.84
N ILE A 252 -7.86 17.37 13.29
CA ILE A 252 -8.45 18.59 12.75
C ILE A 252 -8.75 19.60 13.84
N THR A 253 -9.24 19.13 14.99
CA THR A 253 -9.53 20.02 16.11
C THR A 253 -8.24 20.64 16.65
N LEU A 254 -7.21 19.81 16.84
CA LEU A 254 -5.93 20.29 17.32
C LEU A 254 -5.33 21.31 16.37
N ASN A 255 -5.38 21.01 15.07
CA ASN A 255 -4.83 21.91 14.05
C ASN A 255 -5.43 23.30 14.09
N ASN A 256 -6.75 23.38 14.20
CA ASN A 256 -7.42 24.67 14.28
C ASN A 256 -7.07 25.41 15.56
N LEU A 257 -6.84 24.67 16.64
CA LEU A 257 -6.36 25.24 17.88
C LEU A 257 -5.01 25.91 17.64
N LEU A 258 -4.13 25.21 16.94
CA LEU A 258 -2.78 25.69 16.67
C LEU A 258 -2.75 26.82 15.63
N LEU A 259 -3.86 26.99 14.92
CA LEU A 259 -3.93 27.99 13.86
C LEU A 259 -4.73 29.22 14.27
N ARG A 260 -5.54 29.08 15.32
CA ARG A 260 -6.47 30.14 15.70
C ARG A 260 -6.29 30.60 17.15
N LYS A 261 -5.76 31.82 17.30
CA LYS A 261 -5.46 32.39 18.60
C LYS A 261 -6.70 32.48 19.48
N ASP A 262 -7.85 32.78 18.88
CA ASP A 262 -9.09 32.99 19.62
C ASP A 262 -9.69 31.69 20.18
N MET A 263 -9.13 30.56 19.77
CA MET A 263 -9.57 29.26 20.27
C MET A 263 -8.73 28.82 21.46
N CYS A 264 -7.68 29.57 21.75
CA CYS A 264 -6.75 29.20 22.82
C CYS A 264 -7.03 29.98 24.11
N SER A 265 -8.11 29.60 24.78
CA SER A 265 -8.49 30.24 26.04
C SER A 265 -8.88 29.17 27.06
N TRP A 266 -9.04 29.58 28.31
CA TRP A 266 -9.42 28.67 29.39
C TRP A 266 -10.78 28.04 29.09
N SER A 267 -11.73 28.86 28.63
CA SER A 267 -13.08 28.39 28.36
C SER A 267 -13.11 27.36 27.24
N LYS A 268 -12.38 27.63 26.16
CA LYS A 268 -12.33 26.72 25.04
C LYS A 268 -11.73 25.38 25.44
N GLY A 269 -10.72 25.43 26.31
CA GLY A 269 -10.11 24.24 26.84
C GLY A 269 -11.13 23.42 27.59
N MET A 270 -11.98 24.10 28.35
CA MET A 270 -13.04 23.45 29.11
C MET A 270 -14.05 22.79 28.18
N GLN A 271 -14.41 23.49 27.10
CA GLN A 271 -15.35 22.98 26.11
C GLN A 271 -14.83 21.74 25.39
N ILE A 272 -13.57 21.81 24.96
CA ILE A 272 -12.95 20.71 24.25
C ILE A 272 -12.91 19.47 25.13
N ARG A 273 -12.47 19.66 26.38
CA ARG A 273 -12.34 18.58 27.33
C ARG A 273 -13.68 17.93 27.65
N TYR A 274 -14.75 18.72 27.58
CA TYR A 274 -16.09 18.20 27.77
C TYR A 274 -16.56 17.41 26.55
N ASN A 275 -16.35 17.98 25.37
CA ASN A 275 -16.70 17.32 24.11
C ASN A 275 -16.03 15.95 23.96
N VAL A 276 -14.77 15.87 24.36
CA VAL A 276 -14.02 14.61 24.28
C VAL A 276 -14.64 13.56 25.20
N SER A 277 -15.07 14.00 26.38
CA SER A 277 -15.69 13.10 27.35
C SER A 277 -16.96 12.48 26.77
N GLN A 278 -17.64 13.22 25.90
CA GLN A 278 -18.83 12.71 25.23
C GLN A 278 -18.47 11.74 24.10
N LEU A 279 -17.32 11.96 23.48
CA LEU A 279 -16.84 11.03 22.47
C LEU A 279 -16.46 9.71 23.14
N GLU A 280 -15.81 9.80 24.30
CA GLU A 280 -15.39 8.62 25.03
C GLU A 280 -16.60 7.85 25.55
N GLU A 281 -17.64 8.58 25.93
CA GLU A 281 -18.88 7.98 26.41
C GLU A 281 -19.51 7.16 25.27
N TRP A 282 -19.44 7.70 24.07
CA TRP A 282 -19.94 7.01 22.87
C TRP A 282 -19.21 5.68 22.65
N LEU A 283 -17.89 5.67 22.88
CA LEU A 283 -17.10 4.46 22.73
C LEU A 283 -17.53 3.37 23.71
N ARG A 284 -17.80 3.76 24.96
CA ARG A 284 -18.27 2.81 25.95
C ARG A 284 -19.64 2.27 25.58
N ASP A 285 -20.49 3.15 25.08
CA ASP A 285 -21.84 2.80 24.68
C ASP A 285 -21.86 1.81 23.50
N LYS A 286 -20.74 1.73 22.79
CA LYS A 286 -20.63 0.79 21.66
C LYS A 286 -19.62 -0.31 21.96
N ASN A 287 -19.09 -0.29 23.18
CA ASN A 287 -18.06 -1.24 23.61
C ASN A 287 -16.83 -1.21 22.72
N LEU A 288 -16.26 -0.02 22.54
CA LEU A 288 -15.13 0.17 21.64
C LEU A 288 -13.93 0.79 22.34
N MET A 289 -13.82 0.57 23.64
CA MET A 289 -12.72 1.14 24.42
C MET A 289 -11.41 0.40 24.19
N ASN A 290 -11.45 -0.65 23.37
CA ASN A 290 -10.26 -1.42 23.04
C ASN A 290 -9.80 -1.18 21.61
N SER A 291 -10.42 -0.20 20.95
CA SER A 291 -10.14 0.08 19.55
C SER A 291 -8.92 0.98 19.37
N GLY A 292 -8.48 1.60 20.45
CA GLY A 292 -7.36 2.51 20.40
C GLY A 292 -7.79 3.90 19.94
N ALA A 293 -9.09 4.08 19.78
CA ALA A 293 -9.65 5.35 19.35
C ALA A 293 -9.43 6.44 20.39
N LYS A 294 -9.50 6.05 21.66
CA LYS A 294 -9.35 7.00 22.75
C LYS A 294 -7.93 7.59 22.76
N GLU A 295 -6.94 6.74 22.59
CA GLU A 295 -5.54 7.14 22.61
C GLU A 295 -5.19 8.18 21.55
N THR A 296 -5.94 8.19 20.45
CA THR A 296 -5.68 9.13 19.37
C THR A 296 -6.09 10.55 19.75
N LEU A 297 -6.91 10.68 20.79
CA LEU A 297 -7.38 12.00 21.23
C LEU A 297 -6.46 12.60 22.28
N GLU A 298 -5.47 11.83 22.70
CA GLU A 298 -4.56 12.24 23.76
C GLU A 298 -3.81 13.57 23.52
N PRO A 299 -3.29 13.80 22.30
CA PRO A 299 -2.69 15.12 22.07
C PRO A 299 -3.68 16.27 22.24
N LEU A 300 -4.92 16.07 21.78
CA LEU A 300 -5.95 17.09 21.90
C LEU A 300 -6.30 17.32 23.37
N ILE A 301 -6.41 16.24 24.13
CA ILE A 301 -6.75 16.31 25.54
C ILE A 301 -5.70 17.09 26.30
N GLN A 302 -4.43 16.77 26.06
CA GLN A 302 -3.32 17.44 26.73
C GLN A 302 -3.25 18.92 26.37
N ALA A 303 -3.58 19.26 25.13
CA ALA A 303 -3.62 20.66 24.72
C ALA A 303 -4.73 21.41 25.44
N ALA A 304 -5.89 20.74 25.58
CA ALA A 304 -7.03 21.36 26.26
C ALA A 304 -6.71 21.62 27.73
N GLN A 305 -6.04 20.67 28.35
CA GLN A 305 -5.63 20.81 29.74
C GLN A 305 -4.55 21.88 29.88
N LEU A 306 -3.69 21.97 28.86
CA LEU A 306 -2.66 22.99 28.82
C LEU A 306 -3.26 24.39 28.81
N LEU A 307 -4.44 24.51 28.18
CA LEU A 307 -5.15 25.77 28.11
C LEU A 307 -5.74 26.16 29.47
N GLN A 308 -5.85 25.20 30.39
CA GLN A 308 -6.51 25.43 31.67
C GLN A 308 -5.58 25.58 32.86
N VAL A 309 -4.49 24.83 32.88
CA VAL A 309 -3.59 24.81 34.05
C VAL A 309 -2.92 26.16 34.28
N LYS A 310 -2.34 26.34 35.47
CA LYS A 310 -1.62 27.55 35.79
C LYS A 310 -0.33 27.65 34.98
N LYS A 311 0.01 28.88 34.57
CA LYS A 311 1.13 29.10 33.66
C LYS A 311 2.05 30.22 34.17
N LYS A 312 2.45 30.15 35.43
CA LYS A 312 3.19 31.26 36.03
C LYS A 312 4.51 30.86 36.70
N THR A 313 4.45 29.88 37.60
CA THR A 313 5.61 29.52 38.41
C THR A 313 6.42 28.38 37.81
N ASP A 314 7.58 28.12 38.42
CA ASP A 314 8.45 27.03 37.98
C ASP A 314 7.78 25.68 38.23
N ASP A 315 7.03 25.58 39.31
CA ASP A 315 6.27 24.37 39.61
C ASP A 315 5.21 24.13 38.53
N ASP A 316 4.62 25.22 38.06
CA ASP A 316 3.64 25.13 36.98
C ASP A 316 4.30 24.66 35.69
N ALA A 317 5.54 25.12 35.47
CA ALA A 317 6.29 24.74 34.28
C ALA A 317 6.64 23.26 34.31
N GLU A 318 7.06 22.77 35.46
CA GLU A 318 7.40 21.36 35.63
C GLU A 318 6.16 20.48 35.48
N ALA A 319 5.02 20.97 35.94
CA ALA A 319 3.76 20.25 35.81
C ALA A 319 3.35 20.11 34.35
N ILE A 320 3.55 21.18 33.58
CA ILE A 320 3.24 21.18 32.16
C ILE A 320 4.13 20.20 31.40
N CYS A 321 5.42 20.20 31.73
CA CYS A 321 6.38 19.34 31.06
C CYS A 321 6.17 17.86 31.38
N SER A 322 5.47 17.57 32.47
CA SER A 322 5.19 16.19 32.85
C SER A 322 3.83 15.74 32.34
N MET A 323 2.95 16.70 32.08
CA MET A 323 1.59 16.40 31.66
C MET A 323 1.50 16.18 30.14
N CYS A 324 2.27 16.96 29.38
CA CYS A 324 2.16 16.96 27.93
C CYS A 324 3.14 16.01 27.24
N ASN A 325 3.06 14.73 27.58
CA ASN A 325 3.97 13.73 27.01
C ASN A 325 3.57 13.26 25.60
N ALA A 326 2.42 13.72 25.12
CA ALA A 326 1.95 13.35 23.79
C ALA A 326 1.97 14.53 22.84
N LEU A 327 2.48 15.66 23.32
CA LEU A 327 2.64 16.85 22.51
C LEU A 327 4.12 17.17 22.31
N THR A 328 4.47 17.66 21.12
CA THR A 328 5.84 18.04 20.84
C THR A 328 6.15 19.40 21.46
N THR A 329 7.44 19.73 21.53
CA THR A 329 7.86 21.02 22.06
C THR A 329 7.30 22.16 21.20
N ALA A 330 7.31 21.96 19.89
CA ALA A 330 6.76 22.96 18.97
C ALA A 330 5.28 23.24 19.26
N GLN A 331 4.54 22.17 19.58
CA GLN A 331 3.11 22.29 19.86
C GLN A 331 2.83 22.93 21.22
N ILE A 332 3.55 22.49 22.24
CA ILE A 332 3.43 23.06 23.57
C ILE A 332 3.74 24.56 23.57
N VAL A 333 4.86 24.92 22.96
CA VAL A 333 5.27 26.32 22.88
C VAL A 333 4.28 27.16 22.07
N LYS A 334 3.74 26.59 21.00
CA LYS A 334 2.76 27.29 20.17
C LYS A 334 1.49 27.61 20.94
N VAL A 335 0.96 26.63 21.67
CA VAL A 335 -0.24 26.84 22.47
C VAL A 335 -0.02 27.90 23.54
N LEU A 336 1.11 27.82 24.24
CA LEU A 336 1.45 28.80 25.26
C LEU A 336 1.54 30.21 24.68
N ASN A 337 2.00 30.32 23.43
CA ASN A 337 2.08 31.60 22.75
C ASN A 337 0.73 32.12 22.28
N LEU A 338 -0.16 31.20 21.91
CA LEU A 338 -1.48 31.59 21.41
C LEU A 338 -2.44 31.93 22.54
N TYR A 339 -2.20 31.35 23.71
CA TYR A 339 -3.09 31.49 24.86
C TYR A 339 -3.56 32.91 25.10
N THR A 340 -4.88 33.10 25.06
CA THR A 340 -5.47 34.40 25.32
C THR A 340 -6.10 34.40 26.71
N PRO A 341 -5.69 35.37 27.54
CA PRO A 341 -6.27 35.52 28.89
C PRO A 341 -7.74 35.91 28.82
N VAL A 342 -8.48 35.56 29.87
CA VAL A 342 -9.93 35.77 29.91
C VAL A 342 -10.30 37.24 29.81
N ASN A 343 -9.49 38.10 30.40
CA ASN A 343 -9.65 39.54 30.29
C ASN A 343 -8.34 40.27 30.53
N GLU A 344 -8.38 41.59 30.57
CA GLU A 344 -7.16 42.39 30.71
C GLU A 344 -6.52 42.27 32.09
N PHE A 345 -7.20 41.63 33.03
CA PHE A 345 -6.69 41.53 34.39
C PHE A 345 -5.89 40.25 34.61
N GLU A 346 -5.83 39.42 33.57
CA GLU A 346 -4.92 38.29 33.55
C GLU A 346 -3.80 38.58 32.56
N GLU A 347 -2.57 38.49 33.02
CA GLU A 347 -1.41 38.72 32.16
C GLU A 347 -1.26 37.61 31.14
N ARG A 348 -0.65 37.92 30.00
CA ARG A 348 -0.31 36.90 29.02
C ARG A 348 0.79 36.02 29.60
N VAL A 349 0.99 34.85 29.01
CA VAL A 349 2.11 34.00 29.39
C VAL A 349 3.41 34.72 29.05
N SER A 350 4.30 34.85 30.03
CA SER A 350 5.56 35.54 29.82
C SER A 350 6.53 34.70 29.00
N VAL A 351 7.45 35.35 28.32
CA VAL A 351 8.44 34.67 27.50
C VAL A 351 9.43 33.91 28.38
N SER A 352 9.66 34.42 29.59
CA SER A 352 10.54 33.76 30.55
C SER A 352 9.97 32.40 30.92
N PHE A 353 8.65 32.34 31.08
CA PHE A 353 7.98 31.09 31.38
C PHE A 353 8.09 30.11 30.23
N ILE A 354 7.91 30.61 29.01
CA ILE A 354 8.04 29.79 27.81
C ILE A 354 9.47 29.28 27.65
N ARG A 355 10.44 30.16 27.86
CA ARG A 355 11.85 29.77 27.82
C ARG A 355 12.18 28.74 28.90
N THR A 356 11.52 28.86 30.04
CA THR A 356 11.69 27.88 31.12
C THR A 356 11.21 26.50 30.67
N ILE A 357 10.08 26.47 29.96
CA ILE A 357 9.54 25.24 29.42
C ILE A 357 10.52 24.63 28.42
N GLN A 358 11.01 25.45 27.49
CA GLN A 358 11.96 25.00 26.47
C GLN A 358 13.23 24.44 27.08
N MET A 359 13.65 25.05 28.20
CA MET A 359 14.86 24.61 28.90
C MET A 359 14.66 23.20 29.45
N ARG A 360 13.50 22.96 30.05
CA ARG A 360 13.21 21.67 30.66
C ARG A 360 12.90 20.58 29.64
N LEU A 361 12.60 20.98 28.41
CA LEU A 361 12.25 20.01 27.37
C LEU A 361 13.41 19.66 26.45
N ARG A 362 14.60 20.17 26.74
CA ARG A 362 15.78 19.82 25.96
C ARG A 362 16.28 18.43 26.27
N ASP A 363 15.77 17.83 27.34
CA ASP A 363 16.16 16.48 27.73
C ASP A 363 15.65 15.44 26.74
N ARG A 364 14.70 15.84 25.90
CA ARG A 364 14.12 14.91 24.93
C ARG A 364 14.37 15.34 23.49
N LYS A 365 14.96 14.44 22.71
CA LYS A 365 15.16 14.66 21.30
C LYS A 365 13.80 14.59 20.63
N ASP A 366 13.25 15.74 20.26
CA ASP A 366 11.85 15.84 19.92
C ASP A 366 11.55 15.92 18.42
N SER A 367 10.34 15.53 18.05
CA SER A 367 9.84 15.71 16.69
C SER A 367 9.55 17.19 16.46
N PRO A 368 9.83 17.69 15.25
CA PRO A 368 9.59 19.10 14.92
C PRO A 368 8.15 19.36 14.52
N GLN A 369 7.33 18.31 14.52
CA GLN A 369 5.94 18.40 14.08
C GLN A 369 5.12 19.47 14.79
N LEU A 370 4.44 20.31 14.02
CA LEU A 370 3.50 21.27 14.55
C LEU A 370 2.09 20.82 14.22
N LEU A 371 1.61 21.16 13.03
CA LEU A 371 0.31 20.69 12.56
C LEU A 371 0.34 19.20 12.31
N MET A 372 -0.75 18.52 12.66
CA MET A 372 -0.86 17.09 12.41
C MET A 372 -1.40 16.83 11.00
N ASP A 373 -0.96 15.72 10.41
CA ASP A 373 -1.46 15.33 9.11
C ASP A 373 -2.83 14.69 9.26
N ALA A 374 -3.86 15.48 8.97
CA ALA A 374 -5.24 15.05 9.17
C ALA A 374 -5.65 13.92 8.25
N LYS A 375 -5.01 13.83 7.09
CA LYS A 375 -5.36 12.81 6.10
C LYS A 375 -4.46 11.59 6.16
N HIS A 376 -3.87 11.36 7.33
CA HIS A 376 -3.04 10.17 7.54
C HIS A 376 -3.92 8.93 7.76
N ILE A 377 -3.53 7.82 7.14
CA ILE A 377 -4.28 6.58 7.26
C ILE A 377 -3.44 5.47 7.88
N PHE A 378 -3.88 4.95 9.02
CA PHE A 378 -3.19 3.86 9.69
C PHE A 378 -3.26 2.60 8.82
N PRO A 379 -2.19 1.80 8.81
CA PRO A 379 -2.20 0.52 8.10
C PRO A 379 -3.26 -0.43 8.65
N VAL A 380 -3.99 -1.07 7.75
CA VAL A 380 -5.12 -1.91 8.15
C VAL A 380 -4.76 -3.40 8.09
N THR A 381 -5.30 -4.17 9.02
CA THR A 381 -5.10 -5.61 9.05
C THR A 381 -6.44 -6.33 8.89
N PHE A 382 -6.44 -7.43 8.16
CA PHE A 382 -7.64 -8.23 7.95
C PHE A 382 -7.45 -9.66 8.46
N PRO A 383 -7.55 -9.84 9.78
CA PRO A 383 -7.38 -11.17 10.39
C PRO A 383 -8.51 -12.11 9.97
N PHE A 384 -8.21 -13.41 9.92
CA PHE A 384 -9.17 -14.41 9.47
C PHE A 384 -10.38 -14.52 10.40
N ASN A 385 -11.57 -14.41 9.81
CA ASN A 385 -12.81 -14.46 10.57
C ASN A 385 -13.81 -15.47 9.99
N PRO A 386 -13.69 -16.73 10.43
CA PRO A 386 -14.55 -17.83 9.96
C PRO A 386 -16.02 -17.63 10.32
N SER A 387 -16.91 -18.19 9.51
CA SER A 387 -18.34 -18.02 9.70
C SER A 387 -18.98 -19.28 10.27
N SER A 388 -20.15 -19.12 10.88
CA SER A 388 -20.88 -20.24 11.45
C SER A 388 -22.07 -20.61 10.57
N LEU A 389 -22.27 -19.83 9.52
CA LEU A 389 -23.43 -20.01 8.65
C LEU A 389 -23.35 -21.31 7.86
N ALA A 390 -24.35 -22.16 8.03
CA ALA A 390 -24.44 -23.40 7.28
C ALA A 390 -24.89 -23.11 5.85
N LEU A 391 -24.01 -23.38 4.89
CA LEU A 391 -24.25 -23.04 3.49
C LEU A 391 -25.43 -23.79 2.87
N GLU A 392 -25.67 -25.01 3.34
CA GLU A 392 -26.72 -25.84 2.76
C GLU A 392 -28.11 -25.44 3.22
N THR A 393 -28.19 -24.44 4.10
CA THR A 393 -29.45 -24.01 4.66
C THR A 393 -29.90 -22.67 4.08
N ILE A 394 -29.11 -22.14 3.16
CA ILE A 394 -29.38 -20.83 2.57
C ILE A 394 -30.37 -20.90 1.40
N GLN A 395 -31.38 -20.05 1.43
CA GLN A 395 -32.32 -19.93 0.31
C GLN A 395 -31.99 -18.72 -0.54
N ILE A 396 -32.47 -18.74 -1.79
CA ILE A 396 -32.24 -17.62 -2.70
C ILE A 396 -33.55 -16.88 -2.97
N PRO A 397 -33.69 -15.69 -2.36
CA PRO A 397 -34.88 -14.86 -2.52
C PRO A 397 -35.04 -14.38 -3.96
N ALA A 398 -36.28 -14.35 -4.43
CA ALA A 398 -36.59 -13.94 -5.80
C ALA A 398 -36.31 -12.46 -6.04
N SER A 399 -36.12 -11.71 -4.96
CA SER A 399 -35.78 -10.29 -5.06
C SER A 399 -34.38 -10.13 -5.64
N LEU A 400 -33.57 -11.17 -5.49
CA LEU A 400 -32.22 -11.20 -6.06
C LEU A 400 -32.29 -11.46 -7.56
N GLY A 401 -33.14 -12.41 -7.96
CA GLY A 401 -33.34 -12.72 -9.35
C GLY A 401 -32.37 -13.76 -9.87
N LEU A 402 -32.10 -14.79 -9.08
CA LEU A 402 -31.21 -15.88 -9.47
C LEU A 402 -32.00 -17.17 -9.68
N GLY A 403 -32.95 -17.14 -10.61
CA GLY A 403 -33.76 -18.30 -10.90
C GLY A 403 -33.00 -19.37 -11.67
N PHE A 404 -32.04 -18.94 -12.46
CA PHE A 404 -31.22 -19.86 -13.24
C PHE A 404 -30.30 -20.68 -12.34
N ILE A 405 -30.08 -20.19 -11.13
CA ILE A 405 -29.26 -20.88 -10.15
C ILE A 405 -29.98 -22.10 -9.60
N SER A 406 -29.35 -23.26 -9.76
CA SER A 406 -29.91 -24.51 -9.24
C SER A 406 -29.10 -24.99 -8.06
N ARG A 407 -29.77 -25.24 -6.94
CA ARG A 407 -29.11 -25.77 -5.75
C ARG A 407 -28.73 -27.22 -5.98
N VAL A 408 -27.54 -27.60 -5.52
CA VAL A 408 -27.04 -28.95 -5.71
C VAL A 408 -26.65 -29.60 -4.38
N ASP B 25 37.97 24.50 8.48
CA ASP B 25 37.41 23.29 7.88
C ASP B 25 35.90 23.25 8.01
N PHE B 26 35.23 22.85 6.94
CA PHE B 26 33.78 22.78 6.91
C PHE B 26 33.27 21.58 7.70
N GLN B 27 32.06 21.71 8.25
CA GLN B 27 31.50 20.70 9.14
C GLN B 27 30.59 19.71 8.41
N GLY B 28 30.26 20.02 7.16
CA GLY B 28 29.37 19.16 6.39
C GLY B 28 27.93 19.59 6.50
N MET B 29 27.72 20.89 6.70
CA MET B 29 26.38 21.45 6.75
C MET B 29 26.27 22.57 5.73
N LEU B 30 25.06 22.80 5.22
CA LEU B 30 24.83 23.86 4.25
C LEU B 30 23.79 24.84 4.80
N GLU B 31 24.03 26.12 4.59
CA GLU B 31 23.15 27.16 5.13
C GLU B 31 22.45 27.95 4.02
N TYR B 32 21.20 28.31 4.28
CA TYR B 32 20.44 29.16 3.37
C TYR B 32 19.42 29.97 4.16
N LYS B 33 19.06 31.13 3.63
CA LYS B 33 17.99 31.93 4.21
C LYS B 33 16.66 31.29 3.86
N LYS B 34 15.71 31.32 4.80
CA LYS B 34 14.40 30.72 4.59
C LYS B 34 13.69 31.35 3.39
N GLU B 35 14.09 32.57 3.07
CA GLU B 35 13.54 33.29 1.92
C GLU B 35 13.95 32.65 0.60
N ASP B 36 14.99 31.82 0.64
CA ASP B 36 15.51 31.19 -0.56
C ASP B 36 15.17 29.70 -0.67
N GLU B 37 14.26 29.24 0.18
CA GLU B 37 13.92 27.81 0.23
C GLU B 37 13.29 27.31 -1.06
N GLN B 38 12.38 28.11 -1.61
CA GLN B 38 11.70 27.72 -2.84
C GLN B 38 12.67 27.68 -4.01
N LYS B 39 13.60 28.63 -4.04
CA LYS B 39 14.61 28.68 -5.08
C LYS B 39 15.57 27.50 -4.94
N LEU B 40 15.81 27.09 -3.70
CA LEU B 40 16.67 25.95 -3.42
C LEU B 40 16.06 24.67 -3.97
N VAL B 41 14.78 24.47 -3.69
CA VAL B 41 14.09 23.26 -4.10
C VAL B 41 13.79 23.29 -5.59
N LYS B 42 13.68 24.49 -6.15
CA LYS B 42 13.41 24.64 -7.58
C LYS B 42 14.61 24.25 -8.42
N ASN B 43 15.80 24.56 -7.93
CA ASN B 43 17.02 24.30 -8.68
C ASN B 43 17.62 22.92 -8.38
N LEU B 44 17.24 22.33 -7.26
CA LEU B 44 17.74 21.03 -6.86
C LEU B 44 16.80 19.90 -7.26
N ILE B 45 15.53 20.22 -7.46
CA ILE B 45 14.51 19.20 -7.68
C ILE B 45 13.61 19.44 -8.89
N LEU B 46 12.89 20.56 -8.90
CA LEU B 46 11.91 20.83 -9.95
C LEU B 46 12.52 20.93 -11.34
N GLU B 47 13.61 21.68 -11.46
CA GLU B 47 14.21 21.95 -12.77
C GLU B 47 15.62 21.38 -12.89
N LEU B 48 15.91 20.37 -12.07
CA LEU B 48 17.19 19.69 -12.13
C LEU B 48 17.07 18.49 -13.08
N LYS B 49 17.59 18.66 -14.29
CA LYS B 49 17.49 17.62 -15.30
C LYS B 49 18.44 16.46 -15.01
N PRO B 50 17.88 15.25 -14.81
CA PRO B 50 18.68 14.05 -14.59
C PRO B 50 19.56 13.78 -15.81
N ARG B 51 19.02 14.08 -16.99
CA ARG B 51 19.75 13.94 -18.23
C ARG B 51 20.29 15.29 -18.69
N GLY B 52 21.47 15.63 -18.20
CA GLY B 52 22.10 16.90 -18.55
C GLY B 52 22.76 17.56 -17.35
N LEU B 57 27.60 14.43 -12.35
CA LEU B 57 27.69 14.74 -10.93
C LEU B 57 27.65 13.46 -10.08
N ILE B 58 28.13 13.57 -8.84
CA ILE B 58 28.16 12.44 -7.93
C ILE B 58 26.76 11.95 -7.56
N PRO B 59 26.54 10.64 -7.70
CA PRO B 59 25.26 10.02 -7.31
C PRO B 59 25.25 9.60 -5.83
N GLY B 60 24.27 10.05 -5.07
CA GLY B 60 23.25 10.97 -5.55
C GLY B 60 23.35 12.28 -4.80
N LEU B 61 23.88 13.30 -5.49
CA LEU B 61 24.16 14.59 -4.87
C LEU B 61 22.95 15.34 -4.27
N PRO B 62 21.80 15.37 -4.97
CA PRO B 62 20.64 16.07 -4.40
C PRO B 62 20.27 15.61 -2.99
N ALA B 63 20.27 14.30 -2.77
CA ALA B 63 19.96 13.74 -1.45
C ALA B 63 20.97 14.19 -0.38
N TYR B 64 22.26 14.14 -0.73
CA TYR B 64 23.31 14.55 0.20
C TYR B 64 23.25 16.04 0.50
N ILE B 65 22.93 16.85 -0.50
CA ILE B 65 22.82 18.28 -0.31
C ILE B 65 21.64 18.63 0.58
N LEU B 66 20.49 18.03 0.29
CA LEU B 66 19.29 18.23 1.08
C LEU B 66 19.53 17.88 2.54
N PHE B 67 20.18 16.76 2.78
CA PHE B 67 20.44 16.33 4.14
C PHE B 67 21.36 17.29 4.90
N MET B 68 22.34 17.84 4.20
CA MET B 68 23.26 18.79 4.83
C MET B 68 22.53 20.09 5.16
N CYS B 69 21.51 20.40 4.37
CA CYS B 69 20.64 21.53 4.67
C CYS B 69 19.80 21.21 5.89
N VAL B 70 19.35 19.96 6.00
CA VAL B 70 18.60 19.50 7.16
C VAL B 70 19.47 19.51 8.42
N ARG B 71 20.74 19.15 8.27
CA ARG B 71 21.68 19.14 9.39
C ARG B 71 21.83 20.52 10.04
N HIS B 72 21.94 21.54 9.19
CA HIS B 72 22.15 22.89 9.68
C HIS B 72 20.90 23.46 10.35
N ALA B 73 19.73 23.05 9.87
CA ALA B 73 18.48 23.48 10.48
C ALA B 73 18.31 22.82 11.85
N ASP B 74 18.81 21.59 11.96
CA ASP B 74 18.79 20.88 13.22
C ASP B 74 19.76 21.52 14.21
N TYR B 75 20.91 21.95 13.70
CA TYR B 75 21.95 22.57 14.52
C TYR B 75 21.49 23.92 15.05
N LEU B 76 20.63 24.58 14.27
CA LEU B 76 20.06 25.87 14.67
C LEU B 76 18.85 25.70 15.58
N ASN B 77 18.40 24.46 15.73
CA ASN B 77 17.18 24.14 16.48
C ASN B 77 15.97 24.88 15.92
N ASP B 78 15.93 25.01 14.59
CA ASP B 78 14.84 25.71 13.93
C ASP B 78 13.83 24.70 13.42
N ASP B 79 12.80 24.42 14.22
CA ASP B 79 11.79 23.42 13.87
C ASP B 79 11.00 23.83 12.63
N GLN B 80 10.72 25.12 12.51
CA GLN B 80 9.99 25.63 11.36
C GLN B 80 10.74 25.40 10.06
N LYS B 81 12.04 25.66 10.09
CA LYS B 81 12.89 25.48 8.92
C LYS B 81 12.96 23.99 8.55
N VAL B 82 13.08 23.14 9.56
CA VAL B 82 13.09 21.70 9.35
C VAL B 82 11.77 21.23 8.73
N ARG B 83 10.65 21.68 9.29
CA ARG B 83 9.33 21.31 8.78
C ARG B 83 9.15 21.67 7.32
N SER B 84 9.40 22.93 6.98
CA SER B 84 9.13 23.42 5.63
C SER B 84 10.04 22.79 4.58
N LEU B 85 11.31 22.58 4.94
CA LEU B 85 12.26 22.01 4.00
C LEU B 85 11.89 20.57 3.66
N LEU B 86 11.60 19.77 4.68
CA LEU B 86 11.20 18.38 4.48
C LEU B 86 9.89 18.29 3.71
N THR B 87 8.99 19.24 3.97
CA THR B 87 7.70 19.30 3.29
C THR B 87 7.86 19.72 1.83
N SER B 88 8.66 20.77 1.61
CA SER B 88 8.91 21.27 0.26
C SER B 88 9.65 20.25 -0.59
N THR B 89 10.41 19.38 0.06
CA THR B 89 11.16 18.35 -0.66
C THR B 89 10.23 17.30 -1.24
N ILE B 90 9.34 16.78 -0.40
CA ILE B 90 8.43 15.71 -0.82
C ILE B 90 7.43 16.18 -1.87
N ASN B 91 6.88 17.38 -1.68
CA ASN B 91 5.94 17.92 -2.65
C ASN B 91 6.60 18.26 -3.98
N SER B 92 7.87 18.66 -3.93
CA SER B 92 8.62 18.96 -5.15
C SER B 92 8.92 17.69 -5.93
N ILE B 93 9.28 16.63 -5.21
CA ILE B 93 9.54 15.34 -5.86
C ILE B 93 8.26 14.79 -6.49
N LYS B 94 7.16 14.88 -5.76
CA LYS B 94 5.86 14.45 -6.27
C LYS B 94 5.46 15.26 -7.50
N LYS B 95 5.75 16.56 -7.48
CA LYS B 95 5.43 17.43 -8.61
C LYS B 95 6.23 17.04 -9.86
N VAL B 96 7.50 16.68 -9.66
CA VAL B 96 8.35 16.24 -10.77
C VAL B 96 7.80 14.95 -11.38
N LEU B 97 7.41 14.02 -10.53
CA LEU B 97 6.91 12.73 -10.99
C LEU B 97 5.49 12.82 -11.53
N LYS B 98 4.79 13.90 -11.23
CA LYS B 98 3.46 14.09 -11.79
C LYS B 98 3.56 14.44 -13.27
N LYS B 99 4.52 15.31 -13.59
CA LYS B 99 4.71 15.77 -14.97
C LYS B 99 5.53 14.78 -15.79
N ARG B 100 6.54 14.17 -15.17
CA ARG B 100 7.46 13.31 -15.91
C ARG B 100 7.57 11.90 -15.34
N GLY B 101 6.45 11.37 -14.86
CA GLY B 101 6.42 10.05 -14.26
C GLY B 101 6.41 8.93 -15.28
N ASP B 102 6.46 9.29 -16.55
CA ASP B 102 6.48 8.32 -17.64
C ASP B 102 7.92 8.09 -18.12
N ASP B 103 8.80 9.02 -17.78
CA ASP B 103 10.20 8.94 -18.20
C ASP B 103 11.01 8.08 -17.25
N PHE B 104 11.58 7.00 -17.77
CA PHE B 104 12.33 6.04 -16.96
C PHE B 104 13.47 6.67 -16.18
N GLU B 105 14.24 7.52 -16.83
CA GLU B 105 15.42 8.13 -16.22
C GLU B 105 15.05 9.05 -15.06
N THR B 106 13.94 9.77 -15.22
CA THR B 106 13.49 10.68 -14.17
C THR B 106 13.04 9.91 -12.94
N VAL B 107 12.27 8.85 -13.16
CA VAL B 107 11.76 8.04 -12.07
C VAL B 107 12.89 7.29 -11.38
N SER B 108 13.83 6.77 -12.17
CA SER B 108 15.00 6.08 -11.65
C SER B 108 15.85 7.02 -10.81
N PHE B 109 16.02 8.24 -11.31
CA PHE B 109 16.84 9.24 -10.64
C PHE B 109 16.27 9.61 -9.28
N TRP B 110 14.96 9.83 -9.23
CA TRP B 110 14.34 10.26 -7.99
C TRP B 110 14.03 9.12 -7.03
N LEU B 111 13.97 7.90 -7.55
CA LEU B 111 13.87 6.73 -6.68
C LEU B 111 15.17 6.57 -5.90
N SER B 112 16.30 6.71 -6.59
CA SER B 112 17.61 6.54 -5.97
C SER B 112 17.89 7.65 -4.97
N ASN B 113 17.55 8.87 -5.34
CA ASN B 113 17.77 10.02 -4.46
C ASN B 113 16.81 10.07 -3.26
N THR B 114 15.60 9.56 -3.43
CA THR B 114 14.67 9.46 -2.31
C THR B 114 15.17 8.41 -1.32
N CYS B 115 15.66 7.30 -1.84
CA CYS B 115 16.25 6.24 -1.03
C CYS B 115 17.50 6.72 -0.26
N ARG B 116 18.38 7.42 -0.96
CA ARG B 116 19.63 7.90 -0.35
C ARG B 116 19.35 8.92 0.74
N PHE B 117 18.38 9.80 0.49
CA PHE B 117 17.95 10.78 1.49
C PHE B 117 17.43 10.07 2.73
N LEU B 118 16.65 9.02 2.51
CA LEU B 118 16.12 8.20 3.59
C LEU B 118 17.25 7.51 4.36
N HIS B 119 18.23 6.99 3.63
CA HIS B 119 19.37 6.31 4.24
C HIS B 119 20.19 7.27 5.11
N CYS B 120 20.39 8.48 4.61
CA CYS B 120 21.10 9.52 5.36
C CYS B 120 20.36 9.81 6.66
N LEU B 121 19.04 9.95 6.57
CA LEU B 121 18.21 10.25 7.73
C LEU B 121 18.34 9.16 8.79
N LYS B 122 18.46 7.91 8.34
CA LYS B 122 18.70 6.80 9.26
C LYS B 122 20.14 6.81 9.75
N GLN B 123 21.08 6.84 8.81
CA GLN B 123 22.52 6.76 9.12
C GLN B 123 22.99 7.80 10.12
N TYR B 124 22.48 9.02 9.98
CA TYR B 124 22.87 10.11 10.87
C TYR B 124 21.73 10.51 11.81
N SER B 125 20.87 9.56 12.14
CA SER B 125 19.75 9.82 13.03
C SER B 125 20.21 10.05 14.47
N GLY B 126 21.29 9.38 14.85
CA GLY B 126 21.76 9.41 16.22
C GLY B 126 21.31 8.17 16.96
N GLU B 127 20.66 7.26 16.24
CA GLU B 127 20.16 6.02 16.82
C GLU B 127 21.18 4.90 16.63
N GLU B 128 21.40 4.13 17.70
CA GLU B 128 22.47 3.14 17.76
C GLU B 128 22.44 2.11 16.62
N GLY B 129 21.25 1.61 16.30
CA GLY B 129 21.11 0.55 15.32
C GLY B 129 21.54 0.94 13.92
N PHE B 130 21.48 2.22 13.61
CA PHE B 130 21.79 2.70 12.27
C PHE B 130 23.23 3.20 12.15
N MET B 131 23.98 3.15 13.24
CA MET B 131 25.32 3.74 13.27
C MET B 131 26.46 2.74 13.42
N LYS B 132 26.15 1.46 13.28
CA LYS B 132 27.17 0.42 13.44
C LYS B 132 27.92 0.15 12.13
N HIS B 133 28.05 1.19 11.31
CA HIS B 133 28.81 1.11 10.06
C HIS B 133 29.44 2.46 9.75
N ASN B 134 29.37 3.37 10.72
CA ASN B 134 29.88 4.73 10.55
C ASN B 134 31.28 4.90 11.12
N THR B 135 32.01 5.86 10.58
CA THR B 135 33.30 6.24 11.15
C THR B 135 33.05 7.20 12.29
N SER B 136 34.12 7.60 12.98
CA SER B 136 34.02 8.55 14.06
C SER B 136 33.59 9.91 13.53
N ARG B 137 34.03 10.24 12.33
CA ARG B 137 33.68 11.50 11.67
C ARG B 137 32.19 11.56 11.36
N GLN B 138 31.64 10.43 10.92
CA GLN B 138 30.23 10.38 10.54
C GLN B 138 29.31 10.46 11.76
N ASN B 139 29.77 9.92 12.88
CA ASN B 139 29.00 9.98 14.12
C ASN B 139 28.92 11.39 14.69
N GLU B 140 29.87 12.24 14.30
CA GLU B 140 29.86 13.64 14.70
C GLU B 140 28.80 14.41 13.92
N HIS B 141 28.43 13.87 12.77
CA HIS B 141 27.51 14.56 11.86
C HIS B 141 26.05 14.18 12.13
N CYS B 142 25.81 13.47 13.21
CA CYS B 142 24.45 13.02 13.54
C CYS B 142 23.57 14.17 14.04
N LEU B 143 22.26 13.97 13.98
CA LEU B 143 21.31 14.96 14.45
C LEU B 143 21.23 14.92 15.97
N THR B 144 20.89 16.04 16.59
CA THR B 144 20.86 16.15 18.04
C THR B 144 19.55 16.70 18.58
N ASN B 145 18.89 17.55 17.78
CA ASN B 145 17.70 18.26 18.23
C ASN B 145 16.38 17.64 17.79
N PHE B 146 16.40 16.97 16.66
CA PHE B 146 15.16 16.52 16.04
C PHE B 146 15.12 15.04 15.68
N ASP B 147 14.02 14.39 16.05
CA ASP B 147 13.75 13.01 15.67
C ASP B 147 12.77 12.98 14.50
N LEU B 148 13.25 12.49 13.36
CA LEU B 148 12.46 12.53 12.13
C LEU B 148 11.89 11.18 11.74
N ALA B 149 11.71 10.30 12.74
CA ALA B 149 11.24 8.94 12.50
C ALA B 149 9.92 8.87 11.72
N GLU B 150 8.99 9.76 12.05
CA GLU B 150 7.70 9.78 11.37
C GLU B 150 7.86 10.23 9.93
N TYR B 151 8.87 11.07 9.69
N TYR B 151 8.88 11.06 9.68
CA TYR B 151 9.16 11.56 8.34
CA TYR B 151 9.15 11.56 8.35
C TYR B 151 9.86 10.51 7.50
C TYR B 151 9.86 10.50 7.51
N ARG B 152 10.63 9.64 8.16
CA ARG B 152 11.30 8.55 7.46
C ARG B 152 10.27 7.54 6.98
N GLN B 153 9.15 7.46 7.70
CA GLN B 153 8.05 6.58 7.30
C GLN B 153 7.36 7.14 6.06
N VAL B 154 7.25 8.46 6.00
CA VAL B 154 6.66 9.12 4.84
C VAL B 154 7.54 8.92 3.60
N LEU B 155 8.85 9.14 3.74
CA LEU B 155 9.78 8.94 2.64
C LEU B 155 9.74 7.48 2.16
N SER B 156 9.68 6.56 3.11
CA SER B 156 9.66 5.14 2.80
C SER B 156 8.42 4.78 1.98
N ASP B 157 7.28 5.34 2.35
CA ASP B 157 6.04 5.10 1.62
C ASP B 157 6.06 5.77 0.25
N LEU B 158 6.76 6.90 0.16
CA LEU B 158 6.93 7.59 -1.11
C LEU B 158 7.81 6.78 -2.06
N ALA B 159 8.90 6.24 -1.52
CA ALA B 159 9.84 5.45 -2.31
C ALA B 159 9.16 4.21 -2.90
N ILE B 160 8.27 3.60 -2.12
CA ILE B 160 7.49 2.46 -2.59
C ILE B 160 6.64 2.85 -3.79
N GLN B 161 5.98 4.00 -3.71
CA GLN B 161 5.18 4.50 -4.82
C GLN B 161 6.03 4.75 -6.05
N ILE B 162 7.23 5.28 -5.84
CA ILE B 162 8.12 5.58 -6.96
C ILE B 162 8.57 4.29 -7.63
N TYR B 163 8.86 3.27 -6.83
CA TYR B 163 9.30 1.98 -7.34
C TYR B 163 8.20 1.32 -8.19
N GLN B 164 6.98 1.34 -7.67
CA GLN B 164 5.85 0.76 -8.40
C GLN B 164 5.65 1.48 -9.73
N GLN B 165 5.76 2.81 -9.70
CA GLN B 165 5.67 3.59 -10.91
C GLN B 165 6.82 3.26 -11.87
N LEU B 166 8.00 2.99 -11.30
CA LEU B 166 9.17 2.63 -12.11
C LEU B 166 8.93 1.31 -12.85
N VAL B 167 8.29 0.37 -12.17
CA VAL B 167 7.96 -0.92 -12.76
C VAL B 167 6.96 -0.77 -13.90
N ARG B 168 5.93 0.06 -13.69
CA ARG B 168 4.91 0.27 -14.72
C ARG B 168 5.52 0.87 -15.97
N VAL B 169 6.48 1.77 -15.80
CA VAL B 169 7.20 2.35 -16.94
C VAL B 169 7.97 1.28 -17.69
N LEU B 170 8.65 0.41 -16.95
CA LEU B 170 9.41 -0.70 -17.53
C LEU B 170 8.52 -1.59 -18.39
N GLU B 171 7.31 -1.84 -17.91
CA GLU B 171 6.38 -2.71 -18.60
C GLU B 171 5.96 -2.12 -19.93
N ASN B 172 5.66 -0.83 -19.95
CA ASN B 172 5.24 -0.16 -21.18
C ASN B 172 6.35 -0.12 -22.22
N ILE B 173 7.59 -0.24 -21.76
CA ILE B 173 8.73 -0.24 -22.67
C ILE B 173 9.00 -1.64 -23.21
N LEU B 174 9.03 -2.62 -22.33
CA LEU B 174 9.37 -4.00 -22.71
C LEU B 174 8.28 -4.70 -23.50
N GLN B 175 7.03 -4.52 -23.08
CA GLN B 175 5.89 -5.25 -23.64
C GLN B 175 5.82 -5.35 -25.17
N PRO B 176 6.01 -4.24 -25.91
CA PRO B 176 5.93 -4.37 -27.37
C PRO B 176 7.12 -5.10 -27.99
N MET B 177 8.17 -5.35 -27.21
CA MET B 177 9.36 -5.99 -27.74
C MET B 177 9.33 -7.49 -27.58
N ILE B 178 8.72 -7.95 -26.49
CA ILE B 178 8.87 -9.34 -26.06
C ILE B 178 8.40 -10.38 -27.07
N VAL B 179 7.17 -10.27 -27.54
CA VAL B 179 6.63 -11.23 -28.50
C VAL B 179 7.48 -11.28 -29.78
N SER B 180 7.84 -10.11 -30.28
CA SER B 180 8.65 -10.02 -31.49
C SER B 180 10.07 -10.56 -31.25
N GLY B 181 10.63 -10.24 -30.09
CA GLY B 181 12.00 -10.61 -29.78
C GLY B 181 12.18 -12.05 -29.32
N MET B 182 11.18 -12.58 -28.62
CA MET B 182 11.29 -13.93 -28.06
C MET B 182 10.69 -15.01 -28.95
N LEU B 183 9.70 -14.64 -29.76
CA LEU B 183 8.97 -15.63 -30.54
C LEU B 183 9.12 -15.47 -32.05
N GLU B 184 8.47 -14.44 -32.59
CA GLU B 184 8.32 -14.28 -34.04
C GLU B 184 9.66 -14.28 -34.79
N HIS B 185 10.54 -13.35 -34.43
CA HIS B 185 11.83 -13.25 -35.09
C HIS B 185 12.69 -14.49 -34.81
N GLU B 186 12.92 -15.29 -35.85
CA GLU B 186 13.76 -16.48 -35.72
C GLU B 186 15.19 -16.08 -35.41
N THR B 187 15.65 -16.41 -34.22
CA THR B 187 16.99 -16.05 -33.77
C THR B 187 18.01 -17.06 -34.26
N ILE B 188 17.57 -18.29 -34.49
CA ILE B 188 18.43 -19.34 -35.00
C ILE B 188 18.03 -19.71 -36.43
N GLN B 189 18.94 -19.45 -37.37
CA GLN B 189 18.68 -19.69 -38.79
C GLN B 189 18.43 -21.17 -39.07
N THR B 211 10.17 -7.36 -36.06
CA THR B 211 10.44 -5.94 -35.87
C THR B 211 11.45 -5.69 -34.75
N TYR B 212 11.32 -6.45 -33.67
CA TYR B 212 12.28 -6.41 -32.57
C TYR B 212 13.09 -7.70 -32.54
N THR B 213 14.36 -7.59 -32.19
CA THR B 213 15.22 -8.77 -32.09
C THR B 213 15.47 -9.14 -30.64
N LEU B 214 16.12 -10.28 -30.42
CA LEU B 214 16.51 -10.67 -29.08
C LEU B 214 17.54 -9.70 -28.54
N ASP B 215 18.52 -9.36 -29.38
CA ASP B 215 19.55 -8.40 -28.99
C ASP B 215 18.95 -7.03 -28.70
N SER B 216 17.81 -6.74 -29.32
CA SER B 216 17.10 -5.49 -29.07
C SER B 216 16.58 -5.46 -27.64
N ILE B 217 16.24 -6.64 -27.13
CA ILE B 217 15.80 -6.79 -25.76
C ILE B 217 16.99 -6.68 -24.80
N LEU B 218 18.08 -7.36 -25.15
CA LEU B 218 19.29 -7.30 -24.34
C LEU B 218 19.82 -5.89 -24.24
N ARG B 219 19.75 -5.13 -25.33
CA ARG B 219 20.19 -3.75 -25.33
C ARG B 219 19.33 -2.89 -24.40
N GLN B 220 18.02 -3.12 -24.45
CA GLN B 220 17.10 -2.37 -23.61
C GLN B 220 17.34 -2.68 -22.14
N LEU B 221 17.62 -3.94 -21.85
CA LEU B 221 17.97 -4.35 -20.49
C LEU B 221 19.27 -3.68 -20.05
N ASN B 222 20.22 -3.59 -20.96
CA ASN B 222 21.48 -2.91 -20.67
C ASN B 222 21.27 -1.43 -20.38
N SER B 223 20.37 -0.81 -21.12
CA SER B 223 20.06 0.59 -20.92
C SER B 223 19.47 0.81 -19.52
N PHE B 224 18.50 -0.02 -19.15
CA PHE B 224 17.88 0.06 -17.83
C PHE B 224 18.91 -0.08 -16.72
N HIS B 225 19.68 -1.16 -16.78
CA HIS B 225 20.67 -1.47 -15.75
C HIS B 225 21.74 -0.38 -15.63
N SER B 226 22.22 0.11 -16.77
CA SER B 226 23.26 1.12 -16.77
C SER B 226 22.79 2.43 -16.18
N VAL B 227 21.55 2.81 -16.49
CA VAL B 227 20.97 4.03 -15.98
C VAL B 227 20.81 3.99 -14.45
N MET B 228 20.27 2.88 -13.95
CA MET B 228 20.07 2.72 -12.51
C MET B 228 21.39 2.71 -11.76
N CYS B 229 22.44 2.18 -12.39
CA CYS B 229 23.77 2.19 -11.82
C CYS B 229 24.33 3.61 -11.74
N GLN B 230 24.18 4.35 -12.83
CA GLN B 230 24.66 5.73 -12.89
C GLN B 230 24.01 6.61 -11.82
N HIS B 231 22.77 6.31 -11.50
CA HIS B 231 22.00 7.11 -10.55
C HIS B 231 22.33 6.75 -9.10
N GLY B 232 23.03 5.64 -8.91
CA GLY B 232 23.43 5.22 -7.57
C GLY B 232 22.36 4.44 -6.83
N MET B 233 21.48 3.78 -7.58
CA MET B 233 20.43 2.97 -6.98
C MET B 233 21.04 1.80 -6.23
N ASP B 234 20.48 1.51 -5.05
CA ASP B 234 20.97 0.41 -4.22
C ASP B 234 21.00 -0.90 -5.01
N PRO B 235 22.07 -1.69 -4.82
CA PRO B 235 22.24 -2.98 -5.49
C PRO B 235 21.07 -3.93 -5.25
N GLU B 236 20.61 -4.01 -4.00
CA GLU B 236 19.49 -4.87 -3.64
C GLU B 236 18.21 -4.44 -4.34
N LEU B 237 18.11 -3.13 -4.61
CA LEU B 237 16.96 -2.58 -5.31
C LEU B 237 17.03 -2.91 -6.80
N ILE B 238 18.23 -2.79 -7.37
CA ILE B 238 18.46 -3.12 -8.76
C ILE B 238 18.16 -4.59 -9.03
N LYS B 239 18.54 -5.44 -8.06
CA LYS B 239 18.27 -6.87 -8.16
C LYS B 239 16.78 -7.17 -8.27
N GLN B 240 15.99 -6.43 -7.50
CA GLN B 240 14.54 -6.61 -7.49
C GLN B 240 13.92 -6.11 -8.77
N VAL B 241 14.46 -5.02 -9.31
CA VAL B 241 13.99 -4.47 -10.57
C VAL B 241 14.27 -5.45 -11.71
N VAL B 242 15.44 -6.08 -11.68
CA VAL B 242 15.82 -7.04 -12.72
C VAL B 242 14.94 -8.28 -12.67
N LYS B 243 14.72 -8.80 -11.47
CA LYS B 243 13.81 -9.92 -11.27
C LYS B 243 12.43 -9.59 -11.83
N GLN B 244 12.00 -8.35 -11.62
CA GLN B 244 10.71 -7.90 -12.11
C GLN B 244 10.68 -7.85 -13.64
N MET B 245 11.78 -7.44 -14.25
CA MET B 245 11.85 -7.35 -15.72
C MET B 245 11.81 -8.73 -16.37
N PHE B 246 12.47 -9.69 -15.74
CA PHE B 246 12.46 -11.07 -16.25
C PHE B 246 11.10 -11.72 -16.09
N TYR B 247 10.38 -11.35 -15.03
CA TYR B 247 9.02 -11.85 -14.82
C TYR B 247 8.12 -11.43 -15.98
N ILE B 248 8.24 -10.16 -16.38
CA ILE B 248 7.47 -9.63 -17.50
C ILE B 248 7.78 -10.36 -18.80
N ILE B 249 9.07 -10.57 -19.06
CA ILE B 249 9.51 -11.26 -20.27
C ILE B 249 8.94 -12.68 -20.31
N GLY B 250 9.05 -13.39 -19.20
CA GLY B 250 8.57 -14.75 -19.11
C GLY B 250 7.06 -14.86 -19.20
N ALA B 251 6.36 -13.94 -18.54
CA ALA B 251 4.91 -13.98 -18.49
C ALA B 251 4.27 -13.72 -19.85
N ILE B 252 4.69 -12.64 -20.51
CA ILE B 252 4.15 -12.30 -21.81
C ILE B 252 4.46 -13.37 -22.86
N THR B 253 5.65 -13.95 -22.78
CA THR B 253 6.04 -15.01 -23.70
C THR B 253 5.20 -16.27 -23.51
N LEU B 254 5.01 -16.67 -22.27
CA LEU B 254 4.20 -17.84 -21.94
C LEU B 254 2.75 -17.62 -22.35
N ASN B 255 2.25 -16.42 -22.10
CA ASN B 255 0.87 -16.09 -22.45
C ASN B 255 0.60 -16.25 -23.94
N ASN B 256 1.59 -15.91 -24.77
CA ASN B 256 1.45 -16.05 -26.21
C ASN B 256 1.44 -17.51 -26.65
N LEU B 257 2.18 -18.34 -25.94
CA LEU B 257 2.17 -19.78 -26.20
C LEU B 257 0.79 -20.36 -25.91
N LEU B 258 0.17 -19.87 -24.85
CA LEU B 258 -1.13 -20.39 -24.43
C LEU B 258 -2.27 -19.88 -25.30
N LEU B 259 -1.98 -18.91 -26.16
CA LEU B 259 -3.01 -18.31 -27.00
C LEU B 259 -2.82 -18.58 -28.50
N ARG B 260 -1.64 -19.03 -28.90
CA ARG B 260 -1.32 -19.15 -30.32
C ARG B 260 -0.82 -20.53 -30.74
N LYS B 261 -1.56 -21.15 -31.66
CA LYS B 261 -1.17 -22.45 -32.21
C LYS B 261 0.07 -22.33 -33.10
N ASP B 262 0.20 -21.19 -33.78
CA ASP B 262 1.31 -20.97 -34.70
C ASP B 262 2.60 -20.62 -33.97
N MET B 263 2.66 -20.96 -32.69
CA MET B 263 3.82 -20.65 -31.87
C MET B 263 4.18 -21.84 -30.99
N CYS B 264 3.32 -22.85 -31.01
CA CYS B 264 3.55 -24.06 -30.22
C CYS B 264 4.11 -25.17 -31.08
N SER B 265 5.41 -25.08 -31.35
CA SER B 265 6.09 -26.07 -32.17
C SER B 265 7.43 -26.45 -31.54
N TRP B 266 8.01 -27.54 -32.02
CA TRP B 266 9.31 -27.99 -31.57
C TRP B 266 10.37 -26.93 -31.86
N SER B 267 10.17 -26.22 -32.96
CA SER B 267 11.12 -25.18 -33.38
C SER B 267 11.09 -23.96 -32.46
N LYS B 268 9.89 -23.56 -32.06
CA LYS B 268 9.75 -22.41 -31.15
C LYS B 268 10.32 -22.72 -29.78
N GLY B 269 10.14 -23.96 -29.33
CA GLY B 269 10.73 -24.42 -28.08
C GLY B 269 12.24 -24.31 -28.12
N MET B 270 12.82 -24.56 -29.29
CA MET B 270 14.25 -24.39 -29.49
C MET B 270 14.67 -22.94 -29.40
N GLN B 271 13.93 -22.08 -30.09
CA GLN B 271 14.18 -20.63 -30.05
C GLN B 271 14.15 -20.11 -28.63
N ILE B 272 13.06 -20.40 -27.93
CA ILE B 272 12.87 -19.92 -26.57
C ILE B 272 14.00 -20.35 -25.65
N ARG B 273 14.35 -21.64 -25.70
CA ARG B 273 15.41 -22.16 -24.84
C ARG B 273 16.76 -21.51 -25.12
N TYR B 274 17.01 -21.16 -26.38
CA TYR B 274 18.24 -20.46 -26.72
C TYR B 274 18.20 -19.02 -26.22
N ASN B 275 17.05 -18.38 -26.40
CA ASN B 275 16.85 -17.00 -25.95
C ASN B 275 17.03 -16.87 -24.45
N VAL B 276 16.47 -17.82 -23.71
CA VAL B 276 16.61 -17.86 -22.25
C VAL B 276 18.07 -17.95 -21.84
N SER B 277 18.83 -18.77 -22.57
CA SER B 277 20.25 -18.94 -22.28
C SER B 277 21.02 -17.63 -22.46
N GLN B 278 20.57 -16.79 -23.38
CA GLN B 278 21.17 -15.48 -23.58
C GLN B 278 20.79 -14.53 -22.45
N LEU B 279 19.56 -14.68 -21.95
CA LEU B 279 19.10 -13.86 -20.85
C LEU B 279 19.86 -14.22 -19.58
N GLU B 280 20.13 -15.51 -19.41
CA GLU B 280 20.87 -15.99 -18.25
C GLU B 280 22.33 -15.57 -18.31
N GLU B 281 22.86 -15.49 -19.52
CA GLU B 281 24.25 -15.07 -19.71
C GLU B 281 24.38 -13.58 -19.36
N TRP B 282 23.35 -12.81 -19.69
CA TRP B 282 23.31 -11.39 -19.34
C TRP B 282 23.35 -11.21 -17.83
N LEU B 283 22.66 -12.11 -17.11
CA LEU B 283 22.68 -12.09 -15.65
C LEU B 283 24.09 -12.31 -15.12
N ARG B 284 24.82 -13.23 -15.75
CA ARG B 284 26.20 -13.52 -15.36
C ARG B 284 27.10 -12.32 -15.62
N ASP B 285 26.88 -11.67 -16.76
CA ASP B 285 27.66 -10.48 -17.12
C ASP B 285 27.48 -9.37 -16.09
N LYS B 286 26.29 -9.30 -15.50
CA LYS B 286 25.98 -8.27 -14.52
C LYS B 286 26.08 -8.81 -13.10
N ASN B 287 26.43 -10.07 -12.98
CA ASN B 287 26.52 -10.75 -11.68
C ASN B 287 25.20 -10.70 -10.92
N LEU B 288 24.16 -11.27 -11.52
CA LEU B 288 22.82 -11.21 -10.94
C LEU B 288 22.15 -12.58 -10.87
N MET B 289 22.95 -13.63 -10.67
CA MET B 289 22.41 -14.98 -10.58
C MET B 289 21.80 -15.25 -9.20
N ASN B 290 21.74 -14.22 -8.37
CA ASN B 290 21.13 -14.32 -7.05
C ASN B 290 19.95 -13.37 -6.89
N SER B 291 19.56 -12.73 -7.98
CA SER B 291 18.45 -11.80 -7.96
C SER B 291 17.11 -12.52 -7.92
N GLY B 292 17.09 -13.75 -8.42
CA GLY B 292 15.87 -14.53 -8.49
C GLY B 292 15.23 -14.41 -9.85
N ALA B 293 15.85 -13.61 -10.71
CA ALA B 293 15.34 -13.37 -12.06
C ALA B 293 15.24 -14.66 -12.87
N LYS B 294 16.24 -15.52 -12.72
CA LYS B 294 16.31 -16.77 -13.47
C LYS B 294 15.15 -17.69 -13.14
N GLU B 295 14.80 -17.76 -11.86
CA GLU B 295 13.77 -18.66 -11.38
C GLU B 295 12.36 -18.29 -11.84
N THR B 296 12.20 -17.03 -12.28
CA THR B 296 10.92 -16.57 -12.78
C THR B 296 10.68 -17.02 -14.22
N LEU B 297 11.71 -17.58 -14.84
CA LEU B 297 11.62 -18.04 -16.21
C LEU B 297 11.35 -19.54 -16.27
N GLU B 298 11.35 -20.19 -15.11
CA GLU B 298 11.08 -21.63 -15.03
C GLU B 298 9.80 -22.11 -15.73
N PRO B 299 8.67 -21.39 -15.56
CA PRO B 299 7.48 -21.84 -16.30
C PRO B 299 7.68 -21.81 -17.81
N LEU B 300 8.33 -20.76 -18.31
CA LEU B 300 8.60 -20.63 -19.73
C LEU B 300 9.54 -21.72 -20.21
N ILE B 301 10.61 -21.95 -19.45
CA ILE B 301 11.59 -22.97 -19.80
C ILE B 301 10.95 -24.35 -19.86
N GLN B 302 10.18 -24.68 -18.83
CA GLN B 302 9.50 -25.97 -18.78
C GLN B 302 8.50 -26.10 -19.91
N ALA B 303 7.84 -24.99 -20.25
CA ALA B 303 6.91 -24.98 -21.37
C ALA B 303 7.65 -25.23 -22.69
N ALA B 304 8.84 -24.66 -22.81
CA ALA B 304 9.67 -24.84 -24.00
C ALA B 304 10.15 -26.27 -24.12
N GLN B 305 10.45 -26.88 -22.98
CA GLN B 305 10.86 -28.28 -22.94
C GLN B 305 9.69 -29.16 -23.33
N LEU B 306 8.50 -28.77 -22.92
CA LEU B 306 7.28 -29.50 -23.23
C LEU B 306 7.05 -29.54 -24.74
N LEU B 307 7.42 -28.45 -25.42
CA LEU B 307 7.28 -28.37 -26.87
C LEU B 307 8.28 -29.25 -27.60
N GLN B 308 9.36 -29.62 -26.90
CA GLN B 308 10.45 -30.36 -27.52
C GLN B 308 10.39 -31.87 -27.29
N VAL B 309 9.95 -32.27 -26.10
CA VAL B 309 9.92 -33.70 -25.75
C VAL B 309 8.96 -34.50 -26.61
N LYS B 310 9.14 -35.81 -26.62
CA LYS B 310 8.25 -36.69 -27.37
C LYS B 310 6.94 -36.90 -26.61
N LYS B 311 5.84 -36.98 -27.35
CA LYS B 311 4.52 -37.07 -26.75
C LYS B 311 3.70 -38.18 -27.41
N LYS B 312 3.94 -39.42 -27.00
CA LYS B 312 3.21 -40.54 -27.57
C LYS B 312 3.08 -41.71 -26.61
N THR B 313 4.17 -42.05 -25.92
CA THR B 313 4.17 -43.21 -25.03
C THR B 313 3.73 -42.84 -23.61
N ASP B 314 3.50 -43.85 -22.78
CA ASP B 314 3.15 -43.65 -21.39
C ASP B 314 4.40 -43.30 -20.59
N ASP B 315 5.56 -43.61 -21.17
CA ASP B 315 6.85 -43.19 -20.62
C ASP B 315 7.06 -41.70 -20.87
N ASP B 316 6.52 -41.22 -21.99
CA ASP B 316 6.61 -39.79 -22.33
C ASP B 316 5.81 -38.98 -21.31
N ALA B 317 4.58 -39.42 -21.07
CA ALA B 317 3.69 -38.75 -20.13
C ALA B 317 4.22 -38.82 -18.71
N GLU B 318 4.98 -39.88 -18.44
CA GLU B 318 5.56 -40.12 -17.13
C GLU B 318 6.57 -39.06 -16.76
N ALA B 319 7.37 -38.64 -17.73
CA ALA B 319 8.40 -37.62 -17.50
C ALA B 319 7.82 -36.19 -17.54
N ILE B 320 6.82 -35.98 -18.40
CA ILE B 320 6.18 -34.67 -18.53
C ILE B 320 5.56 -34.19 -17.20
N CYS B 321 4.88 -35.10 -16.52
CA CYS B 321 4.23 -34.78 -15.24
C CYS B 321 5.22 -34.73 -14.09
N SER B 322 6.51 -34.77 -14.41
CA SER B 322 7.56 -34.64 -13.41
C SER B 322 8.52 -33.53 -13.81
N MET B 323 8.54 -33.23 -15.11
CA MET B 323 9.38 -32.16 -15.65
C MET B 323 8.72 -30.81 -15.44
N CYS B 324 7.41 -30.76 -15.65
CA CYS B 324 6.65 -29.53 -15.57
C CYS B 324 6.08 -29.29 -14.18
N ASN B 325 6.96 -29.12 -13.19
CA ASN B 325 6.53 -28.91 -11.82
C ASN B 325 6.29 -27.44 -11.50
N ALA B 326 6.39 -26.59 -12.52
CA ALA B 326 6.17 -25.16 -12.35
C ALA B 326 5.06 -24.67 -13.26
N LEU B 327 4.35 -25.61 -13.86
CA LEU B 327 3.21 -25.30 -14.72
C LEU B 327 1.94 -25.93 -14.16
N THR B 328 0.84 -25.19 -14.23
CA THR B 328 -0.44 -25.72 -13.76
C THR B 328 -0.93 -26.75 -14.75
N THR B 329 -1.89 -27.56 -14.33
CA THR B 329 -2.50 -28.57 -15.20
C THR B 329 -3.12 -27.90 -16.42
N ALA B 330 -3.79 -26.78 -16.20
CA ALA B 330 -4.44 -26.05 -17.28
C ALA B 330 -3.45 -25.63 -18.36
N GLN B 331 -2.27 -25.18 -17.93
CA GLN B 331 -1.24 -24.71 -18.84
C GLN B 331 -0.64 -25.85 -19.66
N ILE B 332 -0.31 -26.95 -18.98
CA ILE B 332 0.27 -28.12 -19.62
C ILE B 332 -0.66 -28.66 -20.70
N VAL B 333 -1.94 -28.82 -20.34
CA VAL B 333 -2.93 -29.34 -21.26
C VAL B 333 -3.17 -28.38 -22.42
N LYS B 334 -3.13 -27.09 -22.12
CA LYS B 334 -3.34 -26.07 -23.15
C LYS B 334 -2.24 -26.14 -24.21
N VAL B 335 -1.00 -26.31 -23.76
CA VAL B 335 0.14 -26.43 -24.66
C VAL B 335 0.00 -27.67 -25.54
N LEU B 336 -0.29 -28.80 -24.91
CA LEU B 336 -0.47 -30.06 -25.63
C LEU B 336 -1.62 -29.96 -26.64
N ASN B 337 -2.62 -29.14 -26.32
CA ASN B 337 -3.76 -28.93 -27.20
C ASN B 337 -3.42 -28.07 -28.41
N LEU B 338 -2.54 -27.10 -28.21
CA LEU B 338 -2.25 -26.13 -29.26
C LEU B 338 -1.07 -26.53 -30.13
N TYR B 339 -0.43 -27.64 -29.81
CA TYR B 339 0.78 -28.05 -30.51
C TYR B 339 0.57 -28.34 -31.98
N THR B 340 1.04 -27.44 -32.83
CA THR B 340 0.99 -27.62 -34.28
C THR B 340 2.25 -28.32 -34.77
N PRO B 341 2.10 -29.19 -35.78
CA PRO B 341 3.23 -29.95 -36.32
C PRO B 341 4.12 -29.08 -37.23
N GLU B 346 4.88 -33.14 -39.04
CA GLU B 346 5.25 -34.37 -38.33
C GLU B 346 4.05 -35.02 -37.66
N GLU B 347 4.24 -35.41 -36.40
CA GLU B 347 3.21 -36.14 -35.64
C GLU B 347 2.47 -35.20 -34.70
N ARG B 348 1.19 -34.96 -34.97
CA ARG B 348 0.38 -34.12 -34.10
C ARG B 348 -0.06 -34.90 -32.87
N VAL B 349 -0.43 -34.18 -31.81
CA VAL B 349 -0.84 -34.80 -30.55
C VAL B 349 -2.26 -35.32 -30.66
N SER B 350 -2.48 -36.54 -30.18
CA SER B 350 -3.80 -37.15 -30.22
C SER B 350 -4.53 -37.00 -28.89
N VAL B 351 -5.86 -37.04 -28.94
CA VAL B 351 -6.69 -36.83 -27.76
C VAL B 351 -6.38 -37.79 -26.63
N SER B 352 -6.20 -39.06 -26.96
CA SER B 352 -5.96 -40.10 -25.96
C SER B 352 -4.73 -39.82 -25.10
N PHE B 353 -3.73 -39.15 -25.67
CA PHE B 353 -2.53 -38.82 -24.92
C PHE B 353 -2.77 -37.66 -23.95
N ILE B 354 -3.55 -36.68 -24.40
CA ILE B 354 -3.89 -35.54 -23.55
C ILE B 354 -4.75 -36.02 -22.38
N ARG B 355 -5.67 -36.93 -22.65
CA ARG B 355 -6.51 -37.51 -21.61
C ARG B 355 -5.73 -38.43 -20.67
N THR B 356 -4.49 -38.71 -21.03
CA THR B 356 -3.63 -39.54 -20.20
C THR B 356 -2.85 -38.68 -19.22
N ILE B 357 -2.36 -37.55 -19.70
CA ILE B 357 -1.66 -36.58 -18.87
C ILE B 357 -2.60 -36.08 -17.77
N GLN B 358 -3.84 -35.82 -18.15
CA GLN B 358 -4.87 -35.38 -17.22
C GLN B 358 -5.08 -36.39 -16.12
N MET B 359 -5.09 -37.67 -16.50
CA MET B 359 -5.28 -38.75 -15.54
C MET B 359 -4.12 -38.80 -14.55
N ARG B 360 -2.91 -38.58 -15.04
CA ARG B 360 -1.75 -38.54 -14.16
C ARG B 360 -1.78 -37.29 -13.27
N LEU B 361 -2.39 -36.22 -13.79
CA LEU B 361 -2.46 -34.96 -13.05
C LEU B 361 -3.85 -34.75 -12.45
N ARG B 362 -4.62 -35.83 -12.36
CA ARG B 362 -5.94 -35.78 -11.73
C ARG B 362 -5.77 -35.54 -10.23
N ASP B 363 -4.72 -36.12 -9.67
CA ASP B 363 -4.49 -36.10 -8.23
C ASP B 363 -4.17 -34.73 -7.66
N ARG B 364 -3.11 -34.10 -8.17
CA ARG B 364 -2.58 -32.89 -7.57
C ARG B 364 -3.56 -31.71 -7.55
N LYS B 365 -3.72 -31.13 -6.38
CA LYS B 365 -4.59 -29.96 -6.20
C LYS B 365 -3.86 -28.75 -6.77
N ASP B 366 -4.31 -28.29 -7.93
CA ASP B 366 -3.57 -27.29 -8.68
C ASP B 366 -4.27 -25.94 -8.76
N SER B 367 -3.47 -24.89 -8.97
CA SER B 367 -4.00 -23.58 -9.29
C SER B 367 -4.66 -23.65 -10.66
N PRO B 368 -5.86 -23.06 -10.80
CA PRO B 368 -6.57 -23.11 -12.08
C PRO B 368 -6.03 -22.08 -13.07
N GLN B 369 -4.94 -21.41 -12.70
CA GLN B 369 -4.37 -20.35 -13.52
C GLN B 369 -3.97 -20.83 -14.91
N LEU B 370 -4.35 -20.05 -15.93
CA LEU B 370 -3.91 -20.29 -17.29
C LEU B 370 -2.92 -19.19 -17.66
N LEU B 371 -3.43 -18.03 -18.04
CA LEU B 371 -2.60 -16.89 -18.34
C LEU B 371 -1.97 -16.33 -17.07
N MET B 372 -0.81 -15.71 -17.21
CA MET B 372 -0.15 -15.07 -16.08
C MET B 372 -0.41 -13.57 -16.08
N ASP B 373 -0.51 -12.99 -14.89
CA ASP B 373 -0.71 -11.56 -14.77
C ASP B 373 0.60 -10.82 -15.02
N ALA B 374 0.75 -10.27 -16.22
CA ALA B 374 1.98 -9.62 -16.64
C ALA B 374 2.21 -8.31 -15.88
N LYS B 375 1.14 -7.73 -15.36
CA LYS B 375 1.23 -6.44 -14.68
C LYS B 375 1.45 -6.61 -13.18
N HIS B 376 1.66 -7.85 -12.75
CA HIS B 376 1.87 -8.14 -11.34
C HIS B 376 3.19 -7.58 -10.83
N ILE B 377 3.14 -6.93 -9.66
CA ILE B 377 4.33 -6.34 -9.07
C ILE B 377 4.68 -7.01 -7.75
N PHE B 378 5.83 -7.65 -7.71
CA PHE B 378 6.33 -8.28 -6.48
C PHE B 378 6.56 -7.23 -5.40
N PRO B 379 6.33 -7.60 -4.13
CA PRO B 379 6.58 -6.71 -2.99
C PRO B 379 8.05 -6.28 -2.94
N VAL B 380 8.28 -5.01 -2.64
CA VAL B 380 9.64 -4.47 -2.64
C VAL B 380 10.09 -4.14 -1.22
N THR B 381 11.40 -4.27 -0.99
CA THR B 381 11.99 -3.90 0.29
C THR B 381 13.21 -3.01 0.08
N PHE B 382 13.39 -2.04 0.98
CA PHE B 382 14.53 -1.13 0.92
C PHE B 382 15.37 -1.29 2.17
N PRO B 383 16.31 -2.25 2.15
CA PRO B 383 17.19 -2.48 3.30
C PRO B 383 18.13 -1.31 3.52
N PHE B 384 18.47 -1.06 4.79
CA PHE B 384 19.34 0.06 5.15
C PHE B 384 20.71 -0.06 4.49
N ASN B 385 21.08 0.98 3.75
CA ASN B 385 22.35 0.99 3.04
C ASN B 385 23.15 2.26 3.30
N PRO B 386 23.87 2.30 4.44
CA PRO B 386 24.65 3.47 4.83
C PRO B 386 25.85 3.68 3.89
N SER B 387 26.19 4.93 3.64
CA SER B 387 27.28 5.26 2.73
C SER B 387 28.57 5.53 3.50
N SER B 388 29.69 5.55 2.77
CA SER B 388 30.98 5.83 3.38
C SER B 388 31.40 7.26 3.09
N LEU B 389 30.52 7.99 2.39
CA LEU B 389 30.83 9.33 1.92
C LEU B 389 30.99 10.33 3.07
N ALA B 390 32.02 11.18 2.97
CA ALA B 390 32.30 12.18 3.99
C ALA B 390 31.70 13.53 3.60
N LEU B 391 30.61 13.90 4.26
CA LEU B 391 29.86 15.11 3.94
C LEU B 391 30.69 16.39 3.93
N GLU B 392 31.72 16.43 4.78
CA GLU B 392 32.55 17.62 4.89
C GLU B 392 33.50 17.81 3.70
N THR B 393 33.50 16.85 2.77
CA THR B 393 34.35 16.94 1.59
C THR B 393 33.54 17.35 0.36
N ILE B 394 32.22 17.41 0.52
CA ILE B 394 31.33 17.72 -0.60
C ILE B 394 31.36 19.20 -0.99
N GLN B 395 31.48 19.46 -2.29
CA GLN B 395 31.38 20.81 -2.82
C GLN B 395 30.17 20.89 -3.74
N ILE B 396 29.49 22.04 -3.72
CA ILE B 396 28.36 22.25 -4.59
C ILE B 396 28.81 22.77 -5.95
N PRO B 397 28.54 22.01 -7.01
CA PRO B 397 28.87 22.41 -8.39
C PRO B 397 28.12 23.67 -8.79
N ALA B 398 28.71 24.45 -9.68
CA ALA B 398 28.13 25.72 -10.10
C ALA B 398 26.98 25.50 -11.09
N SER B 399 26.97 24.34 -11.74
CA SER B 399 25.93 24.02 -12.72
C SER B 399 24.56 23.96 -12.06
N LEU B 400 24.53 23.59 -10.78
CA LEU B 400 23.29 23.51 -10.02
C LEU B 400 22.66 24.88 -9.82
N GLY B 401 23.49 25.88 -9.58
CA GLY B 401 23.02 27.23 -9.36
C GLY B 401 22.64 27.47 -7.92
N LEU B 402 23.42 26.89 -7.01
CA LEU B 402 23.18 27.04 -5.58
C LEU B 402 24.20 27.97 -4.95
N GLY B 403 24.34 29.16 -5.52
CA GLY B 403 25.29 30.15 -5.05
C GLY B 403 24.92 30.73 -3.70
N PHE B 404 23.62 30.78 -3.41
CA PHE B 404 23.15 31.32 -2.14
C PHE B 404 23.42 30.36 -0.98
N ILE B 405 23.64 29.10 -1.32
CA ILE B 405 23.98 28.07 -0.33
C ILE B 405 25.41 28.26 0.16
N SER B 406 25.57 28.42 1.47
CA SER B 406 26.89 28.59 2.05
C SER B 406 27.29 27.36 2.86
N ARG B 407 28.56 26.98 2.76
CA ARG B 407 29.06 25.83 3.51
C ARG B 407 29.32 26.21 4.96
N VAL B 408 29.02 25.28 5.87
CA VAL B 408 29.32 25.46 7.28
C VAL B 408 29.97 24.21 7.85
S SO4 C . 4.66 26.53 10.33
O1 SO4 C . 3.43 25.78 10.55
O2 SO4 C . 5.71 26.00 11.21
O3 SO4 C . 5.06 26.39 8.93
O4 SO4 C . 4.44 27.94 10.65
S SO4 D . 0.46 22.08 -12.41
O1 SO4 D . 0.81 20.70 -12.74
O2 SO4 D . 0.79 22.94 -13.56
O3 SO4 D . -0.96 22.18 -12.13
O4 SO4 D . 1.21 22.53 -11.23
#